data_4CFP
#
_entry.id   4CFP
#
_cell.length_a   49.510
_cell.length_b   114.330
_cell.length_c   61.771
_cell.angle_alpha   90.00
_cell.angle_beta   93.28
_cell.angle_gamma   90.00
#
_symmetry.space_group_name_H-M   'P 1 21 1'
#
loop_
_entity.id
_entity.type
_entity.pdbx_description
1 polymer 'MEMBRANE-BOUND LYTIC MUREIN TRANSGLYCOSYLASE C'
2 branched '2-acetamido-2-deoxy-beta-D-glucopyranose-(1-4)-N-acetyl-beta-muramic acid-(1-4)-2-acetamido-2-deoxy-beta-D-glucopyranose-(1-4)-methyl 2-acetamido-3-O-[(1R)-1-carboxyethyl]-2-deoxy-beta-D-glucopyranoside'
3 non-polymer 'HEXAETHYLENE GLYCOL'
4 non-polymer 'CITRIC ACID'
5 water water
#
_entity_poly.entity_id   1
_entity_poly.type   'polypeptide(L)'
_entity_poly.pdbx_seq_one_letter_code
;MTKKGDTYNEAWVKDTNGFDILMGQFAHNIENIWGFKEVVIAGPKDYVKYTDQYQTRSHINFDDGTITIETIAGTEPAAH
LRRAIIKTLLMGDDPSSVDLYSDVDDITISKEPFLYGQVVDNTGQPIRWEGRASNFADYLLKNRLKSRSNGLRIIYSVTI
NMVPNHLDKRAHKYLGMVRQASRKYGVDESLILAIMQTQSSFNPYAVSRSDALGLMQVVQHTAGKDVFRSQGKSGTPSRS
FLFDPASNIDTGTAYLAMLNNVYLGGIDNPTSRRYAVITAYNGGAGSVLRVFSNDKIQAANIINTMTPGDVYQTLTTRHP
SAESRRYLYKVNTAQKSYRRR
;
_entity_poly.pdbx_strand_id   A,B
#
# COMPACT_ATOMS: atom_id res chain seq x y z
N ASP A 15 21.47 16.41 32.00
CA ASP A 15 21.59 16.41 30.55
C ASP A 15 22.99 15.89 30.20
N THR A 16 23.05 14.97 29.24
CA THR A 16 24.34 14.62 28.65
C THR A 16 24.50 15.46 27.40
N ASN A 17 24.58 16.77 27.62
CA ASN A 17 25.11 17.72 26.65
C ASN A 17 26.55 17.36 26.33
N GLY A 18 27.13 16.46 27.13
CA GLY A 18 28.39 15.83 26.83
C GLY A 18 28.35 15.08 25.50
N PHE A 19 27.19 15.11 24.85
CA PHE A 19 27.06 14.70 23.47
C PHE A 19 27.45 15.85 22.55
N ASP A 20 27.01 17.07 22.87
CA ASP A 20 27.46 18.25 22.16
C ASP A 20 28.98 18.29 22.16
N ILE A 21 29.54 18.01 23.33
CA ILE A 21 30.99 18.07 23.54
C ILE A 21 31.78 17.17 22.57
N LEU A 22 31.36 15.93 22.38
CA LEU A 22 32.18 15.08 21.53
C LEU A 22 31.85 15.28 20.06
N MET A 23 30.69 15.86 19.75
CA MET A 23 30.49 16.39 18.39
C MET A 23 31.56 17.46 18.13
N GLY A 24 31.79 18.28 19.16
CA GLY A 24 32.78 19.33 19.11
C GLY A 24 34.17 18.75 18.99
N GLN A 25 34.44 17.72 19.79
CA GLN A 25 35.68 17.00 19.75
C GLN A 25 35.81 16.27 18.40
N PHE A 26 34.72 15.63 17.94
CA PHE A 26 34.75 14.92 16.66
C PHE A 26 35.14 15.85 15.53
N ALA A 27 34.38 16.94 15.37
CA ALA A 27 34.61 17.89 14.29
C ALA A 27 36.00 18.50 14.36
N HIS A 28 36.50 18.72 15.58
CA HIS A 28 37.84 19.28 15.72
C HIS A 28 38.93 18.27 15.33
N ASN A 29 38.72 16.99 15.64
CA ASN A 29 39.67 15.95 15.22
C ASN A 29 39.78 15.88 13.71
N ILE A 30 38.67 16.10 13.02
CA ILE A 30 38.66 16.05 11.57
C ILE A 30 39.32 17.30 11.03
N GLU A 31 38.93 18.43 11.61
CA GLU A 31 39.45 19.74 11.22
C GLU A 31 40.99 19.76 11.29
N ASN A 32 41.53 19.10 12.31
CA ASN A 32 42.98 18.95 12.44
C ASN A 32 43.61 18.19 11.28
N ILE A 33 42.96 17.11 10.85
CA ILE A 33 43.56 16.19 9.89
C ILE A 33 43.26 16.55 8.43
N TRP A 34 42.08 17.12 8.17
CA TRP A 34 41.64 17.36 6.80
C TRP A 34 41.72 18.84 6.43
N GLY A 35 41.77 19.71 7.42
CA GLY A 35 41.73 21.14 7.18
C GLY A 35 40.30 21.64 7.28
N PHE A 36 40.12 22.86 7.78
CA PHE A 36 38.77 23.39 8.03
C PHE A 36 37.88 23.38 6.78
N LYS A 37 38.54 23.23 5.65
CA LYS A 37 37.97 23.21 4.32
C LYS A 37 37.37 21.84 3.96
N GLU A 38 37.68 20.85 4.79
CA GLU A 38 37.30 19.48 4.50
C GLU A 38 36.61 18.79 5.67
N VAL A 39 35.93 19.56 6.51
CA VAL A 39 35.26 19.01 7.68
C VAL A 39 33.89 18.45 7.27
N VAL A 40 33.91 17.27 6.68
CA VAL A 40 32.70 16.61 6.22
C VAL A 40 32.13 15.70 7.31
N ILE A 41 30.89 15.93 7.67
CA ILE A 41 30.33 15.30 8.85
C ILE A 41 28.92 14.82 8.52
N ALA A 42 28.52 13.73 9.17
CA ALA A 42 27.24 13.12 8.86
C ALA A 42 26.11 14.13 9.09
N GLY A 43 25.09 14.07 8.24
CA GLY A 43 23.90 14.89 8.36
C GLY A 43 22.66 14.04 8.11
N PRO A 44 21.48 14.67 7.96
CA PRO A 44 20.23 13.90 7.76
C PRO A 44 20.16 13.19 6.42
N LYS A 45 20.82 13.74 5.40
CA LYS A 45 20.79 13.13 4.07
C LYS A 45 22.16 12.62 3.65
N ASP A 46 23.10 12.64 4.59
CA ASP A 46 24.47 12.25 4.32
C ASP A 46 25.09 11.40 5.42
N TYR A 47 25.32 10.14 5.08
CA TYR A 47 26.09 9.21 5.90
C TYR A 47 27.58 9.46 5.71
N VAL A 48 28.29 9.81 6.78
CA VAL A 48 29.74 9.99 6.71
C VAL A 48 30.42 9.20 7.84
N LYS A 49 31.19 8.18 7.47
CA LYS A 49 31.91 7.36 8.46
C LYS A 49 33.44 7.42 8.34
N TYR A 50 34.06 8.03 9.34
CA TYR A 50 35.52 8.03 9.48
C TYR A 50 36.01 6.71 10.08
N THR A 51 37.07 6.17 9.50
CA THR A 51 37.78 5.03 10.06
C THR A 51 39.26 5.34 9.98
N ASP A 52 40.10 4.35 10.32
CA ASP A 52 41.55 4.49 10.24
C ASP A 52 42.10 5.74 10.95
N GLN A 53 41.56 6.03 12.14
CA GLN A 53 41.99 7.19 12.91
C GLN A 53 41.79 8.49 12.14
N TYR A 54 40.57 8.67 11.64
CA TYR A 54 40.17 9.88 10.90
C TYR A 54 40.93 10.09 9.58
N GLN A 55 41.62 9.05 9.11
CA GLN A 55 42.35 9.09 7.84
C GLN A 55 41.49 8.70 6.63
N THR A 56 40.57 7.76 6.83
CA THR A 56 39.71 7.28 5.75
C THR A 56 38.24 7.64 6.02
N ARG A 57 37.57 8.28 5.07
CA ARG A 57 36.13 8.50 5.26
C ARG A 57 35.27 7.98 4.10
N SER A 58 34.12 7.39 4.45
CA SER A 58 33.11 6.94 3.48
C SER A 58 31.85 7.80 3.52
N HIS A 59 31.56 8.47 2.42
CA HIS A 59 30.43 9.39 2.35
C HIS A 59 29.33 8.96 1.37
N ILE A 60 28.20 8.49 1.89
CA ILE A 60 26.99 8.30 1.09
C ILE A 60 26.07 9.52 1.07
N ASN A 61 25.95 10.12 -0.10
CA ASN A 61 25.06 11.26 -0.31
C ASN A 61 23.75 10.74 -0.90
N PHE A 62 22.70 10.72 -0.08
CA PHE A 62 21.46 10.02 -0.39
C PHE A 62 20.49 10.79 -1.26
N ASP A 63 20.59 12.11 -1.27
CA ASP A 63 19.79 12.88 -2.21
C ASP A 63 20.32 12.83 -3.64
N ASP A 64 21.65 12.77 -3.78
CA ASP A 64 22.26 12.81 -5.12
C ASP A 64 22.56 11.43 -5.68
N GLY A 65 22.54 10.42 -4.82
CA GLY A 65 22.78 9.05 -5.22
C GLY A 65 24.24 8.82 -5.57
N THR A 66 25.11 9.22 -4.65
CA THR A 66 26.55 9.11 -4.87
C THR A 66 27.25 8.55 -3.65
N ILE A 67 28.22 7.67 -3.89
CA ILE A 67 29.08 7.20 -2.81
C ILE A 67 30.51 7.63 -3.06
N THR A 68 31.03 8.44 -2.15
CA THR A 68 32.37 8.97 -2.24
C THR A 68 33.22 8.41 -1.11
N ILE A 69 34.25 7.68 -1.47
CA ILE A 69 35.17 7.10 -0.48
C ILE A 69 36.53 7.80 -0.60
N GLU A 70 36.90 8.58 0.41
CA GLU A 70 38.16 9.33 0.43
C GLU A 70 39.14 8.88 1.48
N THR A 71 40.42 9.17 1.25
CA THR A 71 41.44 9.07 2.28
C THR A 71 42.51 10.12 2.06
N ILE A 72 43.15 10.55 3.15
CA ILE A 72 44.22 11.53 3.07
C ILE A 72 45.54 10.96 3.50
N ALA A 73 45.53 9.69 3.88
CA ALA A 73 46.75 9.02 4.30
C ALA A 73 47.78 9.07 3.17
N GLY A 74 49.01 9.40 3.51
CA GLY A 74 50.07 9.50 2.53
C GLY A 74 50.71 8.16 2.26
N THR A 75 50.22 7.12 2.93
CA THR A 75 50.86 5.82 2.86
C THR A 75 49.89 4.72 2.49
N GLU A 76 50.11 4.15 1.31
CA GLU A 76 49.22 3.15 0.73
C GLU A 76 47.75 3.57 0.74
N PRO A 77 47.43 4.71 0.11
CA PRO A 77 46.04 5.16 0.13
C PRO A 77 45.09 4.15 -0.52
N ALA A 78 45.50 3.55 -1.63
CA ALA A 78 44.67 2.57 -2.32
C ALA A 78 44.29 1.43 -1.40
N ALA A 79 45.23 1.05 -0.54
CA ALA A 79 45.05 -0.11 0.32
C ALA A 79 43.80 0.00 1.22
N HIS A 80 43.43 1.20 1.64
CA HIS A 80 42.46 1.26 2.69
C HIS A 80 41.29 2.14 2.22
N LEU A 81 41.45 2.76 1.04
CA LEU A 81 40.31 3.05 0.15
C LEU A 81 39.57 1.77 -0.19
N ARG A 82 40.35 0.74 -0.49
CA ARG A 82 39.79 -0.56 -0.89
C ARG A 82 38.98 -1.14 0.25
N ARG A 83 39.46 -0.90 1.46
CA ARG A 83 38.89 -1.46 2.67
C ARG A 83 37.55 -0.84 2.97
N ALA A 84 37.52 0.49 2.94
CA ALA A 84 36.31 1.25 3.14
C ALA A 84 35.30 0.95 2.03
N ILE A 85 35.81 0.77 0.81
CA ILE A 85 34.93 0.50 -0.33
C ILE A 85 34.19 -0.80 -0.12
N ILE A 86 34.91 -1.87 0.25
CA ILE A 86 34.23 -3.15 0.43
C ILE A 86 33.26 -3.10 1.64
N LYS A 87 33.75 -2.59 2.76
CA LYS A 87 32.91 -2.55 3.95
C LYS A 87 31.64 -1.71 3.72
N THR A 88 31.76 -0.56 3.05
CA THR A 88 30.60 0.30 2.84
C THR A 88 29.53 -0.39 1.99
N LEU A 89 29.96 -1.01 0.90
CA LEU A 89 29.07 -1.71 0.00
C LEU A 89 28.36 -2.87 0.69
N LEU A 90 29.05 -3.57 1.58
CA LEU A 90 28.47 -4.76 2.20
C LEU A 90 27.84 -4.48 3.57
N MET A 91 27.88 -3.23 4.03
CA MET A 91 27.49 -2.96 5.42
C MET A 91 26.02 -3.29 5.65
N GLY A 92 25.75 -4.04 6.72
CA GLY A 92 24.40 -4.42 7.06
C GLY A 92 23.80 -3.38 7.98
N ASP A 93 22.75 -2.72 7.48
CA ASP A 93 22.13 -1.62 8.21
C ASP A 93 21.69 -2.02 9.60
N ASP A 94 22.53 -1.71 10.57
CA ASP A 94 22.04 -1.54 11.92
C ASP A 94 22.49 -0.16 12.39
N PRO A 95 21.68 0.86 12.09
CA PRO A 95 21.97 2.27 12.37
C PRO A 95 22.13 2.53 13.86
N SER A 96 21.47 1.72 14.67
CA SER A 96 21.45 1.94 16.10
C SER A 96 22.76 1.49 16.73
N SER A 97 23.57 0.78 15.95
CA SER A 97 24.83 0.25 16.42
C SER A 97 26.04 0.86 15.70
N VAL A 98 25.77 1.82 14.81
CA VAL A 98 26.83 2.55 14.13
C VAL A 98 27.03 3.94 14.74
N ASP A 99 28.28 4.34 14.95
CA ASP A 99 28.61 5.64 15.57
C ASP A 99 29.25 6.58 14.57
N LEU A 100 28.46 7.42 13.90
CA LEU A 100 29.02 8.31 12.89
C LEU A 100 29.82 9.49 13.49
N TYR A 101 29.78 9.66 14.81
CA TYR A 101 30.63 10.66 15.46
C TYR A 101 31.78 10.00 16.21
N SER A 102 32.29 8.92 15.63
CA SER A 102 33.40 8.17 16.19
C SER A 102 34.27 7.59 15.07
N ASP A 103 35.53 7.31 15.36
CA ASP A 103 36.43 6.75 14.36
C ASP A 103 36.58 5.24 14.46
N VAL A 104 35.97 4.65 15.49
CA VAL A 104 36.04 3.20 15.68
C VAL A 104 35.26 2.49 14.56
N ASP A 105 35.85 1.44 13.99
CA ASP A 105 35.15 0.72 12.93
C ASP A 105 34.08 -0.19 13.53
N ASP A 106 32.84 0.30 13.53
CA ASP A 106 31.71 -0.45 14.03
C ASP A 106 30.82 -0.89 12.86
N ILE A 107 31.40 -0.88 11.67
CA ILE A 107 30.73 -1.38 10.47
C ILE A 107 30.84 -2.91 10.44
N THR A 108 29.73 -3.57 10.14
CA THR A 108 29.67 -5.03 10.11
C THR A 108 29.29 -5.53 8.73
N ILE A 109 29.87 -6.64 8.31
CA ILE A 109 29.54 -7.21 7.00
C ILE A 109 28.33 -8.15 7.12
N SER A 110 27.40 -8.02 6.18
CA SER A 110 26.14 -8.75 6.25
C SER A 110 25.82 -9.45 4.94
N LYS A 111 25.15 -10.59 5.03
CA LYS A 111 24.69 -11.30 3.83
C LYS A 111 23.66 -10.45 3.10
N GLU A 112 23.12 -9.48 3.81
CA GLU A 112 22.13 -8.58 3.23
C GLU A 112 22.51 -7.12 3.47
N PRO A 113 23.43 -6.60 2.65
CA PRO A 113 23.92 -5.23 2.79
C PRO A 113 22.81 -4.20 2.62
N PHE A 114 22.86 -3.13 3.43
CA PHE A 114 21.91 -2.05 3.34
C PHE A 114 21.82 -1.50 1.91
N LEU A 115 22.95 -1.44 1.24
CA LEU A 115 22.97 -0.84 -0.09
C LEU A 115 22.52 -1.81 -1.20
N TYR A 116 22.40 -3.09 -0.90
CA TYR A 116 22.09 -4.11 -1.91
C TYR A 116 20.94 -3.67 -2.81
N GLY A 117 21.20 -3.56 -4.10
CA GLY A 117 20.21 -3.07 -5.05
C GLY A 117 20.25 -1.59 -5.38
N GLN A 118 20.82 -0.78 -4.49
CA GLN A 118 20.92 0.66 -4.74
C GLN A 118 22.15 0.99 -5.56
N VAL A 119 23.09 0.07 -5.61
CA VAL A 119 24.26 0.25 -6.46
C VAL A 119 24.63 -1.05 -7.19
N VAL A 120 25.07 -0.92 -8.45
CA VAL A 120 25.53 -2.06 -9.22
C VAL A 120 27.00 -1.85 -9.56
N ASP A 121 27.75 -2.94 -9.75
CA ASP A 121 29.14 -2.80 -10.20
C ASP A 121 29.17 -2.50 -11.69
N ASN A 122 30.37 -2.31 -12.27
CA ASN A 122 30.47 -1.98 -13.70
C ASN A 122 30.06 -3.15 -14.58
N THR A 123 29.78 -4.27 -13.93
CA THR A 123 29.22 -5.47 -14.52
C THR A 123 27.69 -5.36 -14.60
N GLY A 124 27.14 -4.44 -13.83
CA GLY A 124 25.71 -4.18 -13.84
C GLY A 124 24.97 -5.00 -12.81
N GLN A 125 25.72 -5.79 -12.03
CA GLN A 125 25.16 -6.65 -11.00
C GLN A 125 25.11 -5.98 -9.61
N PRO A 126 24.02 -6.23 -8.88
CA PRO A 126 23.94 -5.80 -7.48
C PRO A 126 24.96 -6.55 -6.63
N ILE A 127 25.42 -5.92 -5.55
CA ILE A 127 26.55 -6.40 -4.78
C ILE A 127 26.19 -6.92 -3.38
N ARG A 128 26.50 -8.19 -3.13
CA ARG A 128 26.04 -8.87 -1.94
C ARG A 128 27.13 -9.81 -1.38
N TRP A 129 28.10 -10.17 -2.21
CA TRP A 129 29.16 -11.10 -1.83
C TRP A 129 30.48 -10.35 -1.75
N GLU A 130 31.40 -10.82 -0.90
CA GLU A 130 32.65 -10.09 -0.72
C GLU A 130 33.52 -10.22 -1.96
N GLY A 131 33.32 -11.30 -2.71
CA GLY A 131 34.07 -11.51 -3.92
C GLY A 131 33.77 -10.45 -4.94
N ARG A 132 32.49 -10.30 -5.27
CA ARG A 132 32.06 -9.30 -6.25
C ARG A 132 32.41 -7.89 -5.79
N ALA A 133 32.17 -7.60 -4.51
CA ALA A 133 32.53 -6.29 -3.96
C ALA A 133 34.01 -6.02 -4.18
N SER A 134 34.83 -7.03 -3.92
CA SER A 134 36.28 -6.91 -4.05
C SER A 134 36.69 -6.54 -5.47
N ASN A 135 36.20 -7.31 -6.45
CA ASN A 135 36.52 -7.05 -7.84
C ASN A 135 36.14 -5.64 -8.24
N PHE A 136 35.00 -5.19 -7.73
CA PHE A 136 34.51 -3.87 -8.06
C PHE A 136 35.42 -2.80 -7.44
N ALA A 137 35.94 -3.04 -6.25
CA ALA A 137 36.85 -2.09 -5.61
C ALA A 137 38.13 -2.00 -6.46
N ASP A 138 38.71 -3.15 -6.77
CA ASP A 138 39.88 -3.24 -7.64
C ASP A 138 39.67 -2.48 -8.96
N TYR A 139 38.52 -2.67 -9.59
CA TYR A 139 38.15 -1.92 -10.78
C TYR A 139 38.16 -0.41 -10.55
N LEU A 140 37.48 0.05 -9.49
CA LEU A 140 37.39 1.48 -9.22
C LEU A 140 38.78 2.06 -8.97
N LEU A 141 39.59 1.32 -8.23
CA LEU A 141 40.92 1.75 -7.88
C LEU A 141 41.82 1.89 -9.11
N LYS A 142 41.64 1.00 -10.07
CA LYS A 142 42.47 1.03 -11.28
C LYS A 142 41.97 2.02 -12.33
N ASN A 143 40.69 2.37 -12.29
CA ASN A 143 40.09 3.07 -13.42
C ASN A 143 39.30 4.34 -13.08
N ARG A 144 39.05 4.56 -11.80
CA ARG A 144 38.29 5.70 -11.35
C ARG A 144 38.93 6.38 -10.12
N LEU A 145 40.19 6.05 -9.85
CA LEU A 145 40.91 6.73 -8.79
C LEU A 145 41.12 8.21 -9.11
N LYS A 146 40.63 9.07 -8.21
CA LYS A 146 40.77 10.51 -8.37
C LYS A 146 41.69 11.09 -7.31
N SER A 147 42.20 12.29 -7.57
CA SER A 147 43.04 12.92 -6.58
C SER A 147 42.80 14.40 -6.58
N ARG A 148 42.96 14.96 -5.41
CA ARG A 148 42.59 16.33 -5.14
C ARG A 148 43.62 16.81 -4.16
N SER A 149 43.90 18.10 -4.12
CA SER A 149 44.54 18.59 -2.91
C SER A 149 43.86 19.86 -2.40
N ASN A 150 43.59 19.84 -1.10
CA ASN A 150 43.02 20.99 -0.37
C ASN A 150 43.75 22.31 -0.49
N GLY A 151 44.90 22.23 -1.17
CA GLY A 151 45.79 23.36 -1.29
C GLY A 151 47.06 23.06 -0.55
N LEU A 152 47.06 22.05 0.31
CA LEU A 152 48.17 21.81 1.23
C LEU A 152 48.43 20.30 1.50
N ARG A 153 47.62 19.41 0.94
CA ARG A 153 47.80 17.95 1.16
C ARG A 153 46.88 17.09 0.27
N ILE A 154 47.35 15.91 -0.16
CA ILE A 154 46.68 15.16 -1.23
C ILE A 154 45.61 14.13 -0.78
N ILE A 155 44.41 14.28 -1.33
CA ILE A 155 43.29 13.40 -1.01
C ILE A 155 42.99 12.41 -2.13
N TYR A 156 42.97 11.12 -1.81
CA TYR A 156 42.59 10.12 -2.81
C TYR A 156 41.15 9.64 -2.64
N SER A 157 40.43 9.54 -3.76
CA SER A 157 39.01 9.24 -3.71
C SER A 157 38.50 8.37 -4.87
N VAL A 158 37.33 7.81 -4.63
CA VAL A 158 36.59 7.05 -5.62
C VAL A 158 35.12 7.46 -5.49
N THR A 159 34.52 7.83 -6.61
CA THR A 159 33.10 8.15 -6.68
C THR A 159 32.35 6.95 -7.23
N ILE A 160 31.26 6.59 -6.59
CA ILE A 160 30.41 5.51 -7.07
C ILE A 160 28.99 6.02 -7.26
N ASN A 161 28.48 5.96 -8.49
CA ASN A 161 27.11 6.39 -8.70
C ASN A 161 26.11 5.29 -8.35
N MET A 162 25.05 5.68 -7.67
CA MET A 162 24.03 4.74 -7.29
C MET A 162 23.03 4.65 -8.43
N VAL A 163 22.17 3.64 -8.39
CA VAL A 163 21.22 3.45 -9.47
C VAL A 163 20.28 4.65 -9.55
N PRO A 164 19.75 4.92 -10.76
CA PRO A 164 18.89 6.09 -10.94
C PRO A 164 17.63 6.11 -10.02
N ASN A 165 17.04 4.94 -9.76
CA ASN A 165 15.89 4.86 -8.87
C ASN A 165 16.28 4.42 -7.45
N HIS A 166 17.42 4.93 -6.95
CA HIS A 166 17.93 4.47 -5.66
C HIS A 166 16.97 4.90 -4.53
N LEU A 167 16.34 6.06 -4.70
CA LEU A 167 15.39 6.53 -3.71
C LEU A 167 14.28 5.49 -3.52
N ASP A 168 13.65 5.10 -4.63
CA ASP A 168 12.56 4.14 -4.58
C ASP A 168 13.03 2.83 -3.96
N LYS A 169 14.23 2.40 -4.31
CA LYS A 169 14.74 1.16 -3.74
C LYS A 169 14.78 1.24 -2.23
N ARG A 170 15.36 2.34 -1.75
CA ARG A 170 15.52 2.59 -0.31
C ARG A 170 14.17 2.65 0.42
N ALA A 171 13.26 3.47 -0.09
CA ALA A 171 11.91 3.62 0.46
C ALA A 171 11.18 2.29 0.60
N HIS A 172 11.45 1.36 -0.33
CA HIS A 172 10.81 0.05 -0.30
C HIS A 172 11.06 -0.66 1.02
N LYS A 173 12.23 -0.48 1.60
CA LYS A 173 12.55 -1.02 2.92
C LYS A 173 11.54 -0.66 4.02
N TYR A 174 10.93 0.53 3.93
CA TYR A 174 10.16 1.09 5.05
C TYR A 174 8.65 1.20 4.79
N LEU A 175 8.24 0.81 3.58
CA LEU A 175 6.86 0.93 3.17
C LEU A 175 5.91 0.16 4.10
N GLY A 176 6.33 -1.01 4.55
CA GLY A 176 5.50 -1.83 5.40
C GLY A 176 5.28 -1.10 6.72
N MET A 177 6.36 -0.55 7.24
CA MET A 177 6.28 0.24 8.47
C MET A 177 5.33 1.41 8.30
N VAL A 178 5.49 2.13 7.20
CA VAL A 178 4.61 3.24 6.89
C VAL A 178 3.14 2.81 6.80
N ARG A 179 2.89 1.67 6.18
CA ARG A 179 1.52 1.13 6.12
C ARG A 179 0.93 0.93 7.51
N GLN A 180 1.70 0.24 8.35
CA GLN A 180 1.32 -0.06 9.72
C GLN A 180 1.07 1.23 10.52
N ALA A 181 2.07 2.11 10.57
CA ALA A 181 1.95 3.37 11.32
C ALA A 181 0.73 4.16 10.84
N SER A 182 0.50 4.15 9.54
CA SER A 182 -0.62 4.89 8.96
C SER A 182 -1.97 4.35 9.42
N ARG A 183 -2.09 3.03 9.49
CA ARG A 183 -3.34 2.42 9.90
C ARG A 183 -3.55 2.74 11.37
N LYS A 184 -2.49 2.58 12.14
CA LYS A 184 -2.50 2.82 13.57
C LYS A 184 -2.94 4.24 13.95
N TYR A 185 -2.35 5.26 13.34
CA TYR A 185 -2.63 6.61 13.80
C TYR A 185 -3.55 7.42 12.89
N GLY A 186 -4.11 6.79 11.86
CA GLY A 186 -4.96 7.51 10.91
C GLY A 186 -4.30 8.67 10.16
N VAL A 187 -3.02 8.51 9.83
CA VAL A 187 -2.27 9.52 9.08
C VAL A 187 -1.94 9.00 7.68
N ASP A 188 -2.23 9.79 6.64
CA ASP A 188 -2.02 9.34 5.25
C ASP A 188 -0.60 8.84 5.00
N GLU A 189 -0.49 7.70 4.34
CA GLU A 189 0.79 7.15 3.94
C GLU A 189 1.64 8.21 3.24
N SER A 190 0.99 8.94 2.34
CA SER A 190 1.71 9.86 1.49
C SER A 190 2.35 10.98 2.30
N LEU A 191 1.66 11.44 3.34
CA LEU A 191 2.21 12.44 4.25
C LEU A 191 3.44 11.89 4.99
N ILE A 192 3.31 10.69 5.54
CA ILE A 192 4.46 10.08 6.22
C ILE A 192 5.67 9.97 5.26
N LEU A 193 5.41 9.52 4.04
CA LEU A 193 6.44 9.27 3.05
C LEU A 193 7.04 10.59 2.57
N ALA A 194 6.18 11.58 2.43
CA ALA A 194 6.63 12.91 1.98
C ALA A 194 7.53 13.57 3.03
N ILE A 195 7.16 13.41 4.30
CA ILE A 195 7.99 13.89 5.40
C ILE A 195 9.32 13.16 5.45
N MET A 196 9.23 11.82 5.49
CA MET A 196 10.41 10.97 5.56
C MET A 196 11.40 11.24 4.41
N GLN A 197 10.88 11.37 3.19
CA GLN A 197 11.75 11.64 2.05
C GLN A 197 12.50 12.99 2.17
N THR A 198 11.73 14.03 2.47
CA THR A 198 12.22 15.38 2.67
C THR A 198 13.28 15.49 3.75
N GLN A 199 13.12 14.72 4.81
CA GLN A 199 13.89 14.90 6.02
C GLN A 199 15.18 14.12 5.98
N SER A 200 15.12 12.95 5.34
CA SER A 200 16.24 12.04 5.37
C SER A 200 16.55 11.32 4.06
N SER A 201 15.72 11.51 3.04
CA SER A 201 15.73 10.64 1.86
C SER A 201 15.82 9.20 2.30
N PHE A 202 15.07 8.82 3.34
CA PHE A 202 15.05 7.42 3.78
C PHE A 202 16.43 6.90 4.17
N ASN A 203 17.19 7.77 4.82
CA ASN A 203 18.48 7.39 5.41
C ASN A 203 18.29 7.07 6.88
N PRO A 204 18.46 5.80 7.23
CA PRO A 204 18.25 5.39 8.62
C PRO A 204 19.36 5.84 9.57
N TYR A 205 20.49 6.30 9.03
CA TYR A 205 21.58 6.81 9.88
C TYR A 205 21.49 8.32 10.03
N ALA A 206 20.33 8.89 9.69
CA ALA A 206 20.21 10.34 9.61
C ALA A 206 20.34 11.00 10.99
N VAL A 207 21.14 12.06 11.06
CA VAL A 207 21.39 12.83 12.28
C VAL A 207 21.55 14.29 11.94
N SER A 208 20.86 15.16 12.66
CA SER A 208 20.92 16.57 12.32
C SER A 208 21.84 17.33 13.28
N ARG A 209 21.94 18.64 13.07
CA ARG A 209 22.77 19.51 13.90
C ARG A 209 22.05 19.86 15.21
N SER A 210 20.75 19.61 15.23
CA SER A 210 19.93 19.83 16.41
C SER A 210 19.54 18.49 17.03
N ASP A 211 20.31 17.45 16.70
CA ASP A 211 20.05 16.09 17.20
C ASP A 211 18.66 15.58 16.90
N ALA A 212 18.09 15.95 15.75
CA ALA A 212 16.92 15.21 15.25
C ALA A 212 17.44 13.85 14.79
N LEU A 213 16.70 12.78 15.08
CA LEU A 213 17.22 11.44 14.83
C LEU A 213 16.42 10.57 13.86
N GLY A 214 17.11 9.97 12.90
CA GLY A 214 16.53 8.90 12.12
C GLY A 214 15.71 9.30 10.92
N LEU A 215 14.94 8.33 10.41
CA LEU A 215 14.27 8.44 9.14
C LEU A 215 13.35 9.63 9.11
N MET A 216 12.60 9.82 10.21
CA MET A 216 11.64 10.91 10.28
C MET A 216 12.19 12.07 11.12
N GLN A 217 13.48 12.03 11.41
CA GLN A 217 14.18 13.13 12.10
C GLN A 217 13.44 13.61 13.36
N VAL A 218 13.39 12.73 14.36
CA VAL A 218 12.68 12.99 15.60
C VAL A 218 13.67 13.47 16.66
N VAL A 219 13.34 14.58 17.30
CA VAL A 219 14.14 15.07 18.42
C VAL A 219 13.61 14.46 19.72
N GLN A 220 14.51 13.88 20.51
CA GLN A 220 14.13 13.17 21.74
C GLN A 220 13.35 14.02 22.77
N HIS A 221 13.89 15.16 23.16
CA HIS A 221 13.33 15.95 24.27
C HIS A 221 12.08 16.73 23.91
N THR A 222 11.81 16.90 22.62
CA THR A 222 10.58 17.58 22.20
C THR A 222 9.51 16.58 21.74
N ALA A 223 9.54 16.22 20.46
CA ALA A 223 8.49 15.36 19.92
C ALA A 223 8.49 13.98 20.58
N GLY A 224 9.69 13.42 20.78
CA GLY A 224 9.82 12.11 21.38
C GLY A 224 9.19 12.08 22.75
N LYS A 225 9.55 13.06 23.59
CA LYS A 225 8.99 13.22 24.92
C LYS A 225 7.47 13.33 24.86
N ASP A 226 6.97 14.18 23.98
CA ASP A 226 5.50 14.36 23.85
C ASP A 226 4.79 13.04 23.51
N VAL A 227 5.40 12.25 22.63
CA VAL A 227 4.77 11.03 22.15
C VAL A 227 4.66 10.01 23.27
N PHE A 228 5.78 9.79 23.96
CA PHE A 228 5.81 8.89 25.11
C PHE A 228 4.75 9.26 26.14
N ARG A 229 4.70 10.54 26.50
CA ARG A 229 3.72 11.04 27.46
C ARG A 229 2.29 10.75 26.99
N SER A 230 2.05 10.93 25.70
CA SER A 230 0.70 10.80 25.16
C SER A 230 0.27 9.34 25.06
N GLN A 231 1.16 8.44 25.47
CA GLN A 231 0.86 7.02 25.36
C GLN A 231 1.08 6.35 26.69
N GLY A 232 0.79 7.08 27.77
CA GLY A 232 0.93 6.56 29.12
C GLY A 232 2.32 6.06 29.44
N LYS A 233 3.27 6.42 28.59
CA LYS A 233 4.64 5.97 28.74
C LYS A 233 5.44 7.05 29.41
N SER A 234 6.54 6.68 30.05
CA SER A 234 7.31 7.65 30.82
C SER A 234 8.71 7.84 30.26
N GLY A 235 9.24 9.05 30.41
CA GLY A 235 10.61 9.34 30.02
C GLY A 235 10.74 9.77 28.56
N THR A 236 11.99 9.75 28.06
CA THR A 236 12.26 10.10 26.66
C THR A 236 12.97 8.98 25.91
N PRO A 237 12.54 8.71 24.67
CA PRO A 237 13.19 7.69 23.82
C PRO A 237 14.69 7.91 23.69
N SER A 238 15.46 6.83 23.76
CA SER A 238 16.91 6.90 23.61
C SER A 238 17.31 7.06 22.16
N ARG A 239 18.61 7.19 21.93
CA ARG A 239 19.12 7.28 20.56
C ARG A 239 19.02 5.91 19.87
N SER A 240 19.06 4.83 20.63
CA SER A 240 18.90 3.50 20.05
C SER A 240 17.50 3.31 19.51
N PHE A 241 16.52 3.80 20.28
CA PHE A 241 15.11 3.64 19.94
C PHE A 241 14.78 4.41 18.65
N LEU A 242 15.20 5.66 18.59
CA LEU A 242 14.86 6.53 17.46
C LEU A 242 15.67 6.19 16.23
N PHE A 243 16.71 5.37 16.41
CA PHE A 243 17.52 4.88 15.31
C PHE A 243 17.06 3.52 14.81
N ASP A 244 16.03 2.98 15.45
CA ASP A 244 15.38 1.79 14.95
C ASP A 244 14.18 2.19 14.08
N PRO A 245 14.25 1.88 12.77
CA PRO A 245 13.27 2.27 11.75
C PRO A 245 11.82 2.19 12.22
N ALA A 246 11.37 0.96 12.49
CA ALA A 246 10.05 0.69 13.05
C ALA A 246 9.64 1.67 14.18
N SER A 247 10.52 1.85 15.17
CA SER A 247 10.22 2.74 16.29
C SER A 247 10.08 4.21 15.88
N ASN A 248 11.09 4.66 15.15
CA ASN A 248 11.20 6.01 14.64
C ASN A 248 9.97 6.43 13.82
N ILE A 249 9.58 5.55 12.91
CA ILE A 249 8.44 5.82 12.01
C ILE A 249 7.14 5.83 12.78
N ASP A 250 7.05 4.96 13.78
CA ASP A 250 5.88 4.94 14.63
C ASP A 250 5.80 6.22 15.48
N THR A 251 6.94 6.66 15.98
CA THR A 251 7.01 7.89 16.78
C THR A 251 6.69 9.13 15.96
N GLY A 252 7.42 9.31 14.86
CA GLY A 252 7.16 10.40 13.95
C GLY A 252 5.72 10.49 13.49
N THR A 253 5.16 9.36 13.05
CA THR A 253 3.77 9.31 12.65
C THR A 253 2.82 9.69 13.80
N ALA A 254 3.11 9.18 15.00
CA ALA A 254 2.37 9.55 16.21
C ALA A 254 2.38 11.07 16.43
N TYR A 255 3.53 11.70 16.22
CA TYR A 255 3.63 13.14 16.41
C TYR A 255 2.79 13.83 15.35
N LEU A 256 2.80 13.28 14.13
CA LEU A 256 1.95 13.80 13.06
C LEU A 256 0.48 13.80 13.50
N ALA A 257 0.07 12.73 14.18
CA ALA A 257 -1.30 12.61 14.64
C ALA A 257 -1.56 13.55 15.82
N MET A 258 -0.63 13.59 16.76
CA MET A 258 -0.72 14.53 17.88
C MET A 258 -0.83 15.97 17.39
N LEU A 259 -0.06 16.31 16.37
CA LEU A 259 -0.18 17.65 15.80
C LEU A 259 -1.57 17.86 15.22
N ASN A 260 -2.07 16.86 14.51
CA ASN A 260 -3.33 17.00 13.79
C ASN A 260 -4.61 17.02 14.64
N ASN A 261 -4.65 16.19 15.69
CA ASN A 261 -5.80 16.08 16.56
C ASN A 261 -5.74 17.13 17.70
N VAL A 262 -4.67 17.07 18.48
CA VAL A 262 -4.48 17.96 19.63
C VAL A 262 -4.07 19.39 19.26
N TYR A 263 -2.78 19.60 19.01
CA TYR A 263 -2.23 20.94 18.87
C TYR A 263 -2.81 21.78 17.72
N LEU A 264 -3.49 21.15 16.77
CA LEU A 264 -3.99 21.90 15.62
C LEU A 264 -5.39 21.48 15.20
N GLY A 265 -6.12 20.84 16.11
CA GLY A 265 -7.49 20.43 15.85
C GLY A 265 -8.45 21.59 15.69
N GLY A 266 -8.02 22.77 16.15
CA GLY A 266 -8.78 24.00 16.00
C GLY A 266 -9.02 24.35 14.55
N ILE A 267 -8.11 23.92 13.70
CA ILE A 267 -8.28 24.11 12.27
C ILE A 267 -9.33 23.10 11.79
N ASP A 268 -10.34 23.62 11.11
CA ASP A 268 -11.47 22.81 10.71
C ASP A 268 -11.22 22.14 9.37
N ASN A 269 -10.68 22.93 8.44
CA ASN A 269 -10.42 22.44 7.10
C ASN A 269 -9.20 21.51 7.09
N PRO A 270 -9.39 20.27 6.63
CA PRO A 270 -8.36 19.23 6.70
C PRO A 270 -7.15 19.54 5.83
N THR A 271 -7.36 20.25 4.73
CA THR A 271 -6.26 20.67 3.87
C THR A 271 -5.49 21.81 4.53
N SER A 272 -6.20 22.73 5.17
CA SER A 272 -5.53 23.81 5.89
C SER A 272 -4.81 23.24 7.12
N ARG A 273 -5.45 22.29 7.80
CA ARG A 273 -4.83 21.68 8.98
C ARG A 273 -3.54 20.95 8.58
N ARG A 274 -3.55 20.36 7.39
CA ARG A 274 -2.40 19.60 6.91
C ARG A 274 -1.20 20.51 6.65
N TYR A 275 -1.42 21.60 5.91
CA TYR A 275 -0.40 22.61 5.69
C TYR A 275 0.14 23.06 7.04
N ALA A 276 -0.76 23.32 7.97
CA ALA A 276 -0.36 23.69 9.33
C ALA A 276 0.41 22.56 10.02
N VAL A 277 -0.10 21.32 9.92
CA VAL A 277 0.57 20.16 10.54
C VAL A 277 2.00 19.91 9.95
N ILE A 278 2.13 20.04 8.64
CA ILE A 278 3.40 19.85 7.96
C ILE A 278 4.43 20.88 8.43
N THR A 279 4.03 22.14 8.43
CA THR A 279 4.92 23.21 8.90
C THR A 279 5.29 22.95 10.35
N ALA A 280 4.32 22.56 11.15
CA ALA A 280 4.52 22.44 12.60
C ALA A 280 5.40 21.25 12.95
N TYR A 281 5.37 20.23 12.10
CA TYR A 281 6.23 19.08 12.30
C TYR A 281 7.70 19.54 12.30
N ASN A 282 8.00 20.55 11.50
CA ASN A 282 9.36 21.07 11.45
C ASN A 282 9.56 22.26 12.40
N GLY A 283 8.52 23.06 12.64
CA GLY A 283 8.70 24.32 13.34
C GLY A 283 8.10 24.39 14.73
N GLY A 284 7.28 23.40 15.08
CA GLY A 284 6.47 23.44 16.27
C GLY A 284 5.11 24.06 15.96
N ALA A 285 4.05 23.48 16.52
CA ALA A 285 2.71 24.04 16.36
C ALA A 285 2.62 25.44 16.95
N GLY A 286 3.38 25.67 18.01
CA GLY A 286 3.47 26.99 18.61
C GLY A 286 3.84 28.06 17.59
N SER A 287 4.98 27.88 16.92
CA SER A 287 5.42 28.87 15.94
C SER A 287 4.34 29.06 14.87
N VAL A 288 3.75 27.96 14.44
CA VAL A 288 2.75 27.98 13.37
C VAL A 288 1.51 28.79 13.77
N LEU A 289 1.02 28.57 14.99
CA LEU A 289 -0.11 29.33 15.50
C LEU A 289 0.22 30.82 15.66
N ARG A 290 1.43 31.09 16.11
CA ARG A 290 1.88 32.47 16.29
C ARG A 290 2.28 33.14 15.00
N VAL A 291 1.77 32.65 13.87
CA VAL A 291 2.00 33.33 12.59
C VAL A 291 0.76 34.14 12.34
N PHE A 292 -0.33 33.72 12.96
CA PHE A 292 -1.59 34.39 12.77
C PHE A 292 -1.88 35.36 13.93
N SER A 293 -1.61 34.94 15.15
CA SER A 293 -1.28 35.87 16.24
C SER A 293 -1.02 35.13 17.54
N ASN A 294 -0.39 35.84 18.47
CA ASN A 294 0.12 35.31 19.75
C ASN A 294 -0.85 34.53 20.60
N ASP A 295 -2.12 34.58 20.24
CA ASP A 295 -3.16 33.96 21.04
C ASP A 295 -3.79 32.89 20.20
N LYS A 296 -3.67 31.66 20.70
CA LYS A 296 -3.98 30.47 19.94
C LYS A 296 -5.42 30.48 19.38
N ILE A 297 -6.31 31.20 20.09
CA ILE A 297 -7.74 31.20 19.79
C ILE A 297 -8.11 31.62 18.37
N GLN A 298 -7.66 32.80 17.95
CA GLN A 298 -8.11 33.44 16.74
C GLN A 298 -7.00 33.40 15.73
N ALA A 299 -5.82 32.98 16.17
CA ALA A 299 -4.81 32.43 15.27
C ALA A 299 -5.51 31.32 14.48
N ALA A 300 -6.23 30.47 15.21
CA ALA A 300 -7.00 29.39 14.61
C ALA A 300 -8.11 29.88 13.68
N ASN A 301 -8.84 30.93 14.08
CA ASN A 301 -9.93 31.39 13.22
C ASN A 301 -9.50 32.35 12.13
N ILE A 302 -8.36 33.03 12.30
CA ILE A 302 -7.79 33.77 11.16
C ILE A 302 -7.52 32.75 10.05
N ILE A 303 -7.09 31.56 10.45
CA ILE A 303 -6.94 30.43 9.53
C ILE A 303 -8.30 30.01 9.00
N ASN A 304 -9.29 29.95 9.88
CA ASN A 304 -10.65 29.65 9.46
C ASN A 304 -11.33 30.72 8.59
N THR A 305 -10.63 31.81 8.25
CA THR A 305 -11.13 32.78 7.28
C THR A 305 -10.52 32.61 5.90
N MET A 306 -9.34 32.00 5.85
CA MET A 306 -8.61 31.93 4.61
C MET A 306 -8.88 30.60 3.89
N THR A 307 -8.62 30.59 2.59
CA THR A 307 -8.68 29.37 1.82
C THR A 307 -7.39 28.58 2.10
N PRO A 308 -7.36 27.29 1.73
CA PRO A 308 -6.12 26.55 1.95
C PRO A 308 -4.98 27.08 1.09
N GLY A 309 -5.30 27.56 -0.11
CA GLY A 309 -4.32 28.25 -0.95
C GLY A 309 -3.73 29.45 -0.23
N ASP A 310 -4.60 30.21 0.45
CA ASP A 310 -4.18 31.30 1.32
C ASP A 310 -3.23 30.76 2.37
N VAL A 311 -3.72 29.76 3.11
CA VAL A 311 -2.97 29.20 4.22
C VAL A 311 -1.59 28.75 3.75
N TYR A 312 -1.54 28.01 2.64
CA TYR A 312 -0.27 27.57 2.07
C TYR A 312 0.59 28.77 1.66
N GLN A 313 -0.05 29.80 1.10
CA GLN A 313 0.60 31.07 0.75
C GLN A 313 1.19 31.78 1.98
N THR A 314 0.30 32.09 2.92
CA THR A 314 0.64 32.81 4.14
C THR A 314 1.74 32.08 4.90
N LEU A 315 1.73 30.76 4.85
CA LEU A 315 2.75 30.00 5.56
C LEU A 315 4.06 29.96 4.76
N THR A 316 3.99 29.78 3.45
CA THR A 316 5.22 29.73 2.65
C THR A 316 5.90 31.10 2.51
N THR A 317 5.21 32.18 2.88
CA THR A 317 5.81 33.51 2.77
C THR A 317 6.00 34.22 4.11
N ARG A 318 5.02 34.12 5.00
CA ARG A 318 5.06 34.91 6.22
C ARG A 318 5.25 34.12 7.48
N HIS A 319 6.22 33.22 7.52
CA HIS A 319 6.49 32.57 8.79
C HIS A 319 7.99 32.50 9.04
N PRO A 320 8.36 32.90 10.28
CA PRO A 320 9.68 33.31 10.73
C PRO A 320 10.80 32.44 10.21
N SER A 321 10.75 31.16 10.56
CA SER A 321 11.75 30.22 10.10
C SER A 321 11.75 30.08 8.58
N ALA A 322 12.86 30.48 7.98
CA ALA A 322 13.07 30.27 6.55
C ALA A 322 13.11 28.78 6.26
N GLU A 323 13.64 28.03 7.21
CA GLU A 323 13.73 26.58 7.11
C GLU A 323 12.33 25.99 6.92
N SER A 324 11.39 26.46 7.74
CA SER A 324 10.01 26.00 7.67
C SER A 324 9.33 26.36 6.36
N ARG A 325 9.54 27.58 5.89
CA ARG A 325 8.87 28.06 4.68
C ARG A 325 9.24 27.22 3.46
N ARG A 326 10.49 26.78 3.41
CA ARG A 326 10.92 25.87 2.35
C ARG A 326 10.38 24.46 2.61
N TYR A 327 10.44 24.05 3.87
CA TYR A 327 9.95 22.75 4.30
C TYR A 327 8.52 22.46 3.82
N LEU A 328 7.60 23.36 4.13
CA LEU A 328 6.21 23.19 3.70
C LEU A 328 6.13 23.06 2.19
N TYR A 329 6.85 23.92 1.46
CA TYR A 329 6.88 23.82 0.00
C TYR A 329 7.35 22.44 -0.41
N LYS A 330 8.44 21.99 0.22
CA LYS A 330 9.06 20.73 -0.13
C LYS A 330 8.12 19.54 0.11
N VAL A 331 7.58 19.45 1.32
CA VAL A 331 6.78 18.30 1.73
C VAL A 331 5.51 18.17 0.88
N ASN A 332 4.82 19.28 0.67
CA ASN A 332 3.63 19.29 -0.16
C ASN A 332 3.95 18.86 -1.58
N THR A 333 5.14 19.22 -2.04
CA THR A 333 5.54 18.89 -3.40
C THR A 333 5.81 17.40 -3.53
N ALA A 334 6.41 16.82 -2.50
CA ALA A 334 6.65 15.39 -2.49
C ALA A 334 5.34 14.60 -2.27
N GLN A 335 4.45 15.12 -1.43
CA GLN A 335 3.21 14.42 -1.10
C GLN A 335 2.36 14.19 -2.34
N LYS A 336 2.38 15.17 -3.24
CA LYS A 336 1.62 15.09 -4.48
C LYS A 336 2.05 13.91 -5.35
N SER A 337 3.32 13.51 -5.25
CA SER A 337 3.80 12.38 -6.04
C SER A 337 3.57 11.06 -5.33
N TYR A 338 3.48 11.07 -4.00
CA TYR A 338 3.18 9.83 -3.25
C TYR A 338 1.67 9.63 -3.05
N ARG A 339 0.89 10.68 -3.31
CA ARG A 339 -0.56 10.67 -3.05
C ARG A 339 -1.31 9.77 -4.02
N ARG A 340 -0.95 9.84 -5.29
CA ARG A 340 -1.68 9.13 -6.34
C ARG A 340 -1.40 7.64 -6.33
N ARG A 341 -2.44 6.82 -6.36
CA ARG A 341 -2.20 5.38 -6.43
C ARG A 341 -3.14 4.65 -7.38
N ASP B 15 -16.29 -32.86 -20.02
CA ASP B 15 -15.78 -31.53 -20.28
C ASP B 15 -16.49 -30.51 -19.37
N THR B 16 -16.50 -29.25 -19.77
CA THR B 16 -17.36 -28.25 -19.16
C THR B 16 -18.81 -28.62 -19.47
N ASN B 17 -18.96 -29.50 -20.46
CA ASN B 17 -20.23 -30.15 -20.78
C ASN B 17 -20.85 -30.76 -19.53
N GLY B 18 -20.00 -31.31 -18.66
CA GLY B 18 -20.43 -31.83 -17.39
C GLY B 18 -20.98 -30.76 -16.47
N PHE B 19 -20.32 -29.61 -16.41
CA PHE B 19 -20.72 -28.52 -15.52
C PHE B 19 -22.07 -27.91 -15.89
N ASP B 20 -22.34 -27.77 -17.18
CA ASP B 20 -23.64 -27.24 -17.63
C ASP B 20 -24.76 -28.19 -17.26
N ILE B 21 -24.47 -29.50 -17.31
CA ILE B 21 -25.43 -30.51 -16.90
C ILE B 21 -25.67 -30.43 -15.40
N LEU B 22 -24.60 -30.23 -14.63
CA LEU B 22 -24.72 -30.01 -13.19
C LEU B 22 -25.54 -28.76 -12.86
N MET B 23 -25.29 -27.67 -13.58
CA MET B 23 -26.05 -26.43 -13.38
C MET B 23 -27.53 -26.66 -13.60
N GLY B 24 -27.85 -27.46 -14.62
CA GLY B 24 -29.24 -27.74 -14.97
C GLY B 24 -29.95 -28.51 -13.89
N GLN B 25 -29.28 -29.56 -13.39
CA GLN B 25 -29.80 -30.34 -12.28
C GLN B 25 -30.00 -29.52 -10.99
N PHE B 26 -28.98 -28.74 -10.62
CA PHE B 26 -29.04 -27.79 -9.49
C PHE B 26 -30.29 -26.90 -9.55
N ALA B 27 -30.44 -26.18 -10.66
CA ALA B 27 -31.55 -25.26 -10.82
C ALA B 27 -32.86 -26.00 -10.69
N HIS B 28 -32.95 -27.14 -11.38
CA HIS B 28 -34.17 -27.93 -11.33
C HIS B 28 -34.46 -28.46 -9.93
N ASN B 29 -33.42 -28.92 -9.24
CA ASN B 29 -33.54 -29.33 -7.86
C ASN B 29 -34.08 -28.24 -6.93
N ILE B 30 -33.70 -27.00 -7.18
CA ILE B 30 -34.18 -25.91 -6.35
C ILE B 30 -35.64 -25.66 -6.64
N GLU B 31 -35.94 -25.62 -7.94
CA GLU B 31 -37.26 -25.30 -8.43
C GLU B 31 -38.32 -26.25 -7.86
N ASN B 32 -37.95 -27.54 -7.76
CA ASN B 32 -38.87 -28.59 -7.36
C ASN B 32 -39.30 -28.43 -5.91
N ILE B 33 -38.41 -27.82 -5.13
CA ILE B 33 -38.59 -27.72 -3.69
C ILE B 33 -39.04 -26.32 -3.29
N TRP B 34 -38.55 -25.30 -3.98
CA TRP B 34 -38.86 -23.91 -3.65
C TRP B 34 -39.93 -23.28 -4.57
N GLY B 35 -40.09 -23.80 -5.77
CA GLY B 35 -40.95 -23.19 -6.79
C GLY B 35 -40.16 -22.23 -7.66
N PHE B 36 -40.46 -22.20 -8.97
CA PHE B 36 -39.56 -21.53 -9.92
C PHE B 36 -39.28 -20.06 -9.60
N LYS B 37 -40.21 -19.39 -8.93
CA LYS B 37 -40.00 -17.99 -8.64
C LYS B 37 -39.13 -17.78 -7.39
N GLU B 38 -38.73 -18.90 -6.78
CA GLU B 38 -37.85 -18.84 -5.61
C GLU B 38 -36.44 -19.38 -5.91
N VAL B 39 -36.18 -19.73 -7.18
CA VAL B 39 -34.87 -20.22 -7.55
C VAL B 39 -33.83 -19.12 -7.38
N VAL B 40 -33.03 -19.23 -6.31
CA VAL B 40 -31.96 -18.28 -6.05
C VAL B 40 -30.62 -18.98 -6.07
N ILE B 41 -29.70 -18.44 -6.87
CA ILE B 41 -28.41 -19.08 -7.11
C ILE B 41 -27.26 -18.08 -6.95
N ALA B 42 -26.09 -18.59 -6.58
CA ALA B 42 -24.92 -17.74 -6.37
C ALA B 42 -24.57 -16.98 -7.62
N GLY B 43 -24.14 -15.73 -7.42
CA GLY B 43 -23.66 -14.89 -8.49
C GLY B 43 -22.30 -14.28 -8.13
N PRO B 44 -21.86 -13.29 -8.90
CA PRO B 44 -20.58 -12.62 -8.60
C PRO B 44 -20.62 -11.92 -7.23
N LYS B 45 -21.78 -11.39 -6.85
CA LYS B 45 -21.85 -10.60 -5.64
C LYS B 45 -22.74 -11.25 -4.59
N ASP B 46 -23.06 -12.52 -4.78
CA ASP B 46 -23.92 -13.22 -3.84
C ASP B 46 -23.48 -14.67 -3.68
N TYR B 47 -23.08 -14.98 -2.47
CA TYR B 47 -22.88 -16.33 -2.00
C TYR B 47 -24.25 -16.97 -1.71
N VAL B 48 -24.54 -18.11 -2.32
CA VAL B 48 -25.76 -18.88 -2.04
C VAL B 48 -25.40 -20.37 -1.91
N LYS B 49 -25.63 -20.89 -0.72
CA LYS B 49 -25.36 -22.29 -0.43
C LYS B 49 -26.62 -23.01 0.01
N TYR B 50 -27.00 -24.05 -0.74
CA TYR B 50 -28.10 -24.92 -0.34
C TYR B 50 -27.61 -26.10 0.52
N THR B 51 -28.42 -26.50 1.48
CA THR B 51 -28.19 -27.71 2.26
C THR B 51 -29.54 -28.39 2.53
N ASP B 52 -29.51 -29.45 3.33
CA ASP B 52 -30.72 -30.13 3.81
C ASP B 52 -31.59 -30.58 2.66
N GLN B 53 -31.03 -31.39 1.76
CA GLN B 53 -31.75 -31.84 0.57
C GLN B 53 -32.42 -30.67 -0.12
N TYR B 54 -31.69 -29.56 -0.23
CA TYR B 54 -32.13 -28.32 -0.87
C TYR B 54 -33.23 -27.57 -0.11
N GLN B 55 -33.58 -28.01 1.09
CA GLN B 55 -34.62 -27.30 1.84
C GLN B 55 -34.12 -26.04 2.59
N THR B 56 -32.81 -25.88 2.70
CA THR B 56 -32.25 -24.75 3.47
C THR B 56 -31.15 -24.03 2.70
N ARG B 57 -31.20 -22.71 2.63
CA ARG B 57 -30.17 -21.95 1.95
C ARG B 57 -29.65 -20.79 2.75
N SER B 58 -28.37 -20.47 2.52
CA SER B 58 -27.67 -19.34 3.15
C SER B 58 -27.14 -18.39 2.08
N HIS B 59 -27.65 -17.16 2.09
CA HIS B 59 -27.36 -16.17 1.06
C HIS B 59 -26.59 -14.98 1.67
N ILE B 60 -25.33 -14.79 1.28
CA ILE B 60 -24.62 -13.56 1.62
C ILE B 60 -24.69 -12.61 0.44
N ASN B 61 -25.38 -11.50 0.63
CA ASN B 61 -25.46 -10.45 -0.37
C ASN B 61 -24.34 -9.44 -0.08
N PHE B 62 -23.24 -9.52 -0.82
CA PHE B 62 -22.08 -8.67 -0.56
C PHE B 62 -22.25 -7.20 -0.96
N ASP B 63 -23.26 -6.90 -1.77
CA ASP B 63 -23.54 -5.51 -2.12
C ASP B 63 -24.30 -4.82 -1.01
N ASP B 64 -25.31 -5.50 -0.46
CA ASP B 64 -26.15 -4.93 0.61
C ASP B 64 -25.60 -5.14 2.01
N GLY B 65 -24.61 -6.03 2.10
CA GLY B 65 -24.11 -6.46 3.39
C GLY B 65 -25.18 -7.07 4.26
N THR B 66 -25.96 -8.00 3.69
CA THR B 66 -26.90 -8.78 4.48
C THR B 66 -26.67 -10.26 4.32
N ILE B 67 -26.94 -10.99 5.38
CA ILE B 67 -26.85 -12.44 5.37
C ILE B 67 -28.23 -12.98 5.63
N THR B 68 -28.80 -13.66 4.65
CA THR B 68 -30.14 -14.19 4.82
C THR B 68 -30.14 -15.70 4.79
N ILE B 69 -30.60 -16.28 5.89
CA ILE B 69 -30.72 -17.72 6.05
C ILE B 69 -32.20 -18.12 6.03
N GLU B 70 -32.56 -19.03 5.15
CA GLU B 70 -33.94 -19.47 4.99
C GLU B 70 -34.07 -20.98 4.94
N THR B 71 -35.15 -21.49 5.52
CA THR B 71 -35.50 -22.91 5.33
C THR B 71 -36.95 -23.06 4.92
N ILE B 72 -37.21 -24.08 4.10
CA ILE B 72 -38.56 -24.39 3.69
C ILE B 72 -38.87 -25.79 4.21
N ALA B 73 -37.99 -26.32 5.05
CA ALA B 73 -38.22 -27.64 5.63
C ALA B 73 -39.48 -27.64 6.50
N GLY B 74 -40.30 -28.68 6.34
CA GLY B 74 -41.55 -28.80 7.07
C GLY B 74 -41.37 -29.14 8.54
N THR B 75 -40.43 -30.04 8.83
CA THR B 75 -40.17 -30.47 10.20
C THR B 75 -38.98 -29.68 10.81
N GLU B 76 -39.11 -29.28 12.07
CA GLU B 76 -38.06 -28.59 12.78
C GLU B 76 -37.35 -27.50 11.97
N PRO B 77 -38.10 -26.50 11.48
CA PRO B 77 -37.43 -25.43 10.75
C PRO B 77 -36.32 -24.77 11.58
N ALA B 78 -36.60 -24.46 12.85
CA ALA B 78 -35.64 -23.73 13.70
C ALA B 78 -34.29 -24.44 13.83
N ALA B 79 -34.32 -25.74 14.10
CA ALA B 79 -33.10 -26.53 14.11
C ALA B 79 -32.36 -26.41 12.78
N HIS B 80 -33.08 -26.43 11.66
CA HIS B 80 -32.43 -26.28 10.35
C HIS B 80 -31.79 -24.91 10.17
N LEU B 81 -32.47 -23.84 10.60
CA LEU B 81 -31.93 -22.49 10.54
C LEU B 81 -30.69 -22.36 11.39
N ARG B 82 -30.79 -22.91 12.59
CA ARG B 82 -29.72 -22.86 13.57
C ARG B 82 -28.40 -23.37 13.02
N ARG B 83 -28.42 -24.56 12.43
CA ARG B 83 -27.20 -25.16 11.90
C ARG B 83 -26.61 -24.31 10.77
N ALA B 84 -27.49 -23.77 9.93
CA ALA B 84 -27.02 -22.97 8.82
C ALA B 84 -26.55 -21.58 9.24
N ILE B 85 -27.11 -21.03 10.30
CA ILE B 85 -26.63 -19.76 10.83
C ILE B 85 -25.20 -19.95 11.33
N ILE B 86 -25.05 -20.92 12.22
CA ILE B 86 -23.75 -21.25 12.80
C ILE B 86 -22.73 -21.61 11.70
N LYS B 87 -23.16 -22.37 10.69
CA LYS B 87 -22.25 -22.79 9.64
C LYS B 87 -21.80 -21.62 8.80
N THR B 88 -22.73 -20.71 8.49
CA THR B 88 -22.36 -19.57 7.67
C THR B 88 -21.42 -18.60 8.43
N LEU B 89 -21.74 -18.30 9.69
CA LEU B 89 -20.90 -17.44 10.54
C LEU B 89 -19.46 -17.92 10.72
N LEU B 90 -19.28 -19.24 10.80
CA LEU B 90 -18.00 -19.84 11.16
C LEU B 90 -17.20 -20.42 9.99
N MET B 91 -17.77 -20.41 8.79
CA MET B 91 -17.10 -21.04 7.67
C MET B 91 -15.83 -20.29 7.32
N GLY B 92 -14.75 -21.03 7.10
CA GLY B 92 -13.51 -20.42 6.69
C GLY B 92 -13.59 -20.19 5.20
N ASP B 93 -12.73 -19.33 4.67
CA ASP B 93 -12.71 -19.15 3.23
C ASP B 93 -11.80 -20.19 2.59
N ASP B 94 -12.43 -21.15 1.96
CA ASP B 94 -11.73 -22.12 1.17
C ASP B 94 -12.52 -22.20 -0.12
N PRO B 95 -12.46 -21.12 -0.91
CA PRO B 95 -13.28 -21.03 -2.12
C PRO B 95 -12.97 -22.19 -3.05
N SER B 96 -11.74 -22.66 -3.00
CA SER B 96 -11.29 -23.77 -3.82
C SER B 96 -12.01 -25.06 -3.49
N SER B 97 -12.54 -25.16 -2.27
CA SER B 97 -13.11 -26.42 -1.79
C SER B 97 -14.62 -26.32 -1.53
N VAL B 98 -15.24 -25.28 -2.05
CA VAL B 98 -16.67 -25.05 -1.80
C VAL B 98 -17.49 -25.16 -3.07
N ASP B 99 -18.50 -26.04 -3.03
CA ASP B 99 -19.38 -26.30 -4.16
C ASP B 99 -20.75 -25.64 -3.99
N LEU B 100 -20.96 -24.50 -4.66
CA LEU B 100 -22.19 -23.70 -4.52
C LEU B 100 -23.29 -24.17 -5.44
N TYR B 101 -23.01 -25.26 -6.16
CA TYR B 101 -23.95 -25.79 -7.14
C TYR B 101 -24.27 -27.23 -6.80
N SER B 102 -24.11 -27.57 -5.52
CA SER B 102 -24.71 -28.77 -4.96
C SER B 102 -25.10 -28.49 -3.50
N ASP B 103 -25.94 -29.37 -2.95
CA ASP B 103 -26.42 -29.28 -1.59
C ASP B 103 -25.59 -30.11 -0.62
N VAL B 104 -24.49 -30.67 -1.10
CA VAL B 104 -23.59 -31.40 -0.22
C VAL B 104 -22.98 -30.46 0.82
N ASP B 105 -22.90 -30.93 2.06
CA ASP B 105 -22.29 -30.16 3.14
C ASP B 105 -20.79 -29.94 2.91
N ASP B 106 -20.40 -28.67 2.77
CA ASP B 106 -18.99 -28.35 2.70
C ASP B 106 -18.43 -28.33 4.13
N ILE B 107 -17.65 -29.36 4.47
CA ILE B 107 -17.00 -29.45 5.76
C ILE B 107 -15.96 -28.35 5.90
N THR B 108 -16.38 -27.16 6.32
CA THR B 108 -15.57 -25.98 6.08
C THR B 108 -15.29 -25.11 7.31
N ILE B 109 -15.79 -25.47 8.48
CA ILE B 109 -15.68 -24.52 9.58
C ILE B 109 -14.22 -24.36 10.04
N SER B 110 -13.89 -23.12 10.39
CA SER B 110 -12.52 -22.68 10.60
C SER B 110 -12.36 -21.77 11.81
N LYS B 111 -11.14 -21.73 12.33
CA LYS B 111 -10.81 -20.89 13.47
C LYS B 111 -10.72 -19.43 13.05
N GLU B 112 -10.61 -19.20 11.75
CA GLU B 112 -10.68 -17.84 11.22
C GLU B 112 -11.76 -17.78 10.19
N PRO B 113 -13.00 -17.52 10.64
CA PRO B 113 -14.15 -17.41 9.75
C PRO B 113 -13.91 -16.39 8.68
N PHE B 114 -14.34 -16.69 7.46
CA PHE B 114 -14.31 -15.71 6.39
C PHE B 114 -14.98 -14.40 6.81
N LEU B 115 -16.11 -14.54 7.49
CA LEU B 115 -16.94 -13.40 7.93
C LEU B 115 -16.48 -12.73 9.24
N TYR B 116 -15.41 -13.25 9.85
CA TYR B 116 -14.87 -12.67 11.08
C TYR B 116 -14.52 -11.18 10.90
N GLY B 117 -15.23 -10.32 11.63
CA GLY B 117 -15.03 -8.88 11.49
C GLY B 117 -16.01 -8.19 10.57
N GLN B 118 -16.72 -8.95 9.74
CA GLN B 118 -17.75 -8.39 8.88
C GLN B 118 -19.14 -8.44 9.53
N VAL B 119 -19.26 -9.28 10.55
CA VAL B 119 -20.50 -9.41 11.28
C VAL B 119 -20.22 -9.39 12.77
N VAL B 120 -21.11 -8.74 13.52
CA VAL B 120 -21.07 -8.75 14.98
C VAL B 120 -22.36 -9.31 15.55
N ASP B 121 -22.25 -9.94 16.71
CA ASP B 121 -23.42 -10.52 17.32
C ASP B 121 -24.19 -9.49 18.14
N ASN B 122 -25.21 -9.96 18.83
CA ASN B 122 -26.16 -9.09 19.50
C ASN B 122 -25.49 -8.11 20.49
N THR B 123 -24.25 -8.40 20.85
CA THR B 123 -23.49 -7.61 21.83
C THR B 123 -22.34 -6.84 21.21
N GLY B 124 -22.23 -6.88 19.89
CA GLY B 124 -21.18 -6.17 19.19
C GLY B 124 -19.87 -6.94 19.14
N GLN B 125 -19.91 -8.23 19.40
CA GLN B 125 -18.72 -9.06 19.36
C GLN B 125 -18.60 -9.91 18.08
N PRO B 126 -17.41 -9.88 17.46
CA PRO B 126 -17.04 -10.69 16.31
C PRO B 126 -17.17 -12.17 16.65
N ILE B 127 -17.64 -12.97 15.70
CA ILE B 127 -17.96 -14.35 15.99
C ILE B 127 -16.95 -15.31 15.34
N ARG B 128 -16.28 -16.09 16.18
CA ARG B 128 -15.32 -17.08 15.68
C ARG B 128 -15.29 -18.28 16.60
N TRP B 129 -16.39 -18.47 17.31
CA TRP B 129 -16.49 -19.49 18.35
C TRP B 129 -17.84 -20.15 18.13
N GLU B 130 -17.92 -21.47 18.25
CA GLU B 130 -19.22 -22.13 18.08
C GLU B 130 -20.15 -21.73 19.22
N GLY B 131 -19.58 -21.54 20.40
CA GLY B 131 -20.35 -21.10 21.56
C GLY B 131 -21.08 -19.80 21.30
N ARG B 132 -20.35 -18.80 20.82
CA ARG B 132 -20.93 -17.49 20.52
C ARG B 132 -21.76 -17.51 19.22
N ALA B 133 -21.44 -18.42 18.31
CA ALA B 133 -22.24 -18.53 17.12
C ALA B 133 -23.62 -19.08 17.48
N SER B 134 -23.66 -20.10 18.33
CA SER B 134 -24.94 -20.69 18.77
C SER B 134 -25.77 -19.67 19.53
N ASN B 135 -25.10 -18.96 20.43
CA ASN B 135 -25.72 -17.88 21.20
C ASN B 135 -26.40 -16.89 20.28
N PHE B 136 -25.69 -16.48 19.23
CA PHE B 136 -26.20 -15.48 18.31
C PHE B 136 -27.35 -16.02 17.49
N ALA B 137 -27.27 -17.30 17.13
CA ALA B 137 -28.35 -17.95 16.38
C ALA B 137 -29.65 -18.03 17.20
N ASP B 138 -29.52 -18.50 18.44
CA ASP B 138 -30.65 -18.56 19.39
C ASP B 138 -31.29 -17.19 19.61
N TYR B 139 -30.46 -16.16 19.76
CA TYR B 139 -30.97 -14.80 19.83
C TYR B 139 -31.83 -14.50 18.59
N LEU B 140 -31.27 -14.75 17.41
CA LEU B 140 -31.94 -14.49 16.14
C LEU B 140 -33.24 -15.29 15.96
N LEU B 141 -33.21 -16.55 16.40
CA LEU B 141 -34.36 -17.42 16.25
C LEU B 141 -35.48 -17.04 17.21
N LYS B 142 -35.13 -16.32 18.27
CA LYS B 142 -36.11 -15.89 19.26
C LYS B 142 -36.62 -14.47 19.01
N ASN B 143 -35.83 -13.64 18.33
CA ASN B 143 -36.19 -12.24 18.22
C ASN B 143 -36.20 -11.66 16.82
N ARG B 144 -35.76 -12.43 15.84
CA ARG B 144 -35.72 -11.92 14.46
C ARG B 144 -36.23 -12.96 13.45
N LEU B 145 -36.89 -13.98 13.96
CA LEU B 145 -37.48 -14.99 13.08
C LEU B 145 -38.64 -14.41 12.30
N LYS B 146 -38.57 -14.50 10.98
CA LYS B 146 -39.71 -14.09 10.19
C LYS B 146 -40.15 -15.22 9.28
N SER B 147 -41.39 -15.16 8.81
CA SER B 147 -41.91 -16.15 7.86
C SER B 147 -42.66 -15.47 6.73
N ARG B 148 -42.88 -16.24 5.67
CA ARG B 148 -43.58 -15.84 4.48
C ARG B 148 -43.94 -17.12 3.72
N SER B 149 -44.67 -16.98 2.63
CA SER B 149 -45.14 -18.17 1.93
C SER B 149 -44.86 -18.06 0.46
N ASN B 150 -44.46 -19.18 -0.14
CA ASN B 150 -44.23 -19.18 -1.57
C ASN B 150 -45.52 -19.47 -2.31
N GLY B 151 -46.64 -19.38 -1.58
CA GLY B 151 -47.96 -19.68 -2.12
C GLY B 151 -48.43 -21.07 -1.72
N LEU B 152 -47.49 -21.93 -1.33
CA LEU B 152 -47.79 -23.34 -1.06
C LEU B 152 -47.42 -23.75 0.37
N ARG B 153 -46.33 -23.20 0.88
CA ARG B 153 -45.84 -23.57 2.21
C ARG B 153 -44.96 -22.43 2.76
N ILE B 154 -44.64 -22.52 4.05
CA ILE B 154 -43.99 -21.41 4.78
C ILE B 154 -42.47 -21.47 4.70
N ILE B 155 -41.86 -20.36 4.32
CA ILE B 155 -40.42 -20.22 4.37
C ILE B 155 -40.06 -19.44 5.63
N TYR B 156 -39.30 -20.04 6.54
CA TYR B 156 -38.85 -19.32 7.74
C TYR B 156 -37.44 -18.73 7.52
N SER B 157 -37.12 -17.61 8.15
CA SER B 157 -35.83 -16.98 7.95
C SER B 157 -35.35 -15.97 8.98
N VAL B 158 -34.04 -15.75 8.98
CA VAL B 158 -33.42 -14.70 9.76
C VAL B 158 -32.47 -13.90 8.87
N THR B 159 -32.45 -12.60 9.13
CA THR B 159 -31.63 -11.68 8.40
C THR B 159 -30.60 -11.12 9.36
N ILE B 160 -29.36 -11.09 8.91
CA ILE B 160 -28.26 -10.58 9.70
C ILE B 160 -27.60 -9.46 8.93
N ASN B 161 -27.47 -8.30 9.57
CA ASN B 161 -26.84 -7.19 8.89
C ASN B 161 -25.35 -7.20 9.17
N MET B 162 -24.55 -6.97 8.14
CA MET B 162 -23.10 -6.94 8.33
C MET B 162 -22.69 -5.53 8.80
N VAL B 163 -21.51 -5.38 9.42
CA VAL B 163 -21.06 -4.07 9.88
C VAL B 163 -20.94 -3.11 8.69
N PRO B 164 -21.11 -1.80 8.93
CA PRO B 164 -21.32 -0.86 7.82
C PRO B 164 -20.13 -0.75 6.85
N ASN B 165 -18.94 -1.16 7.29
CA ASN B 165 -17.75 -1.02 6.47
C ASN B 165 -17.26 -2.39 6.03
N HIS B 166 -18.21 -3.29 5.81
CA HIS B 166 -17.89 -4.68 5.51
C HIS B 166 -17.11 -4.77 4.20
N LEU B 167 -17.41 -3.89 3.26
CA LEU B 167 -16.69 -3.85 1.99
C LEU B 167 -15.21 -3.57 2.20
N ASP B 168 -14.91 -2.57 3.02
CA ASP B 168 -13.52 -2.24 3.32
C ASP B 168 -12.87 -3.37 4.07
N LYS B 169 -13.59 -4.00 4.99
CA LYS B 169 -12.95 -5.08 5.75
C LYS B 169 -12.68 -6.30 4.86
N ARG B 170 -13.43 -6.43 3.75
CA ARG B 170 -13.14 -7.44 2.75
C ARG B 170 -11.96 -7.01 1.88
N ALA B 171 -12.03 -5.79 1.36
CA ALA B 171 -10.93 -5.25 0.60
C ALA B 171 -9.59 -5.43 1.32
N HIS B 172 -9.60 -5.33 2.64
CA HIS B 172 -8.34 -5.35 3.41
C HIS B 172 -7.63 -6.70 3.24
N LYS B 173 -8.38 -7.75 2.98
CA LYS B 173 -7.79 -9.07 2.81
C LYS B 173 -6.84 -9.17 1.59
N TYR B 174 -7.02 -8.29 0.61
CA TYR B 174 -6.34 -8.46 -0.68
C TYR B 174 -5.41 -7.30 -1.04
N LEU B 175 -5.28 -6.33 -0.14
CA LEU B 175 -4.47 -5.15 -0.39
C LEU B 175 -3.01 -5.50 -0.71
N GLY B 176 -2.47 -6.53 -0.06
CA GLY B 176 -1.10 -6.96 -0.31
C GLY B 176 -0.95 -7.50 -1.72
N MET B 177 -1.83 -8.42 -2.08
CA MET B 177 -1.77 -9.03 -3.39
C MET B 177 -1.92 -7.97 -4.46
N VAL B 178 -2.80 -7.00 -4.23
CA VAL B 178 -3.04 -5.95 -5.21
C VAL B 178 -1.78 -5.09 -5.39
N ARG B 179 -1.11 -4.81 -4.26
CA ARG B 179 0.18 -4.11 -4.28
C ARG B 179 1.20 -4.83 -5.15
N GLN B 180 1.46 -6.09 -4.82
CA GLN B 180 2.32 -6.96 -5.61
C GLN B 180 1.97 -6.88 -7.10
N ALA B 181 0.71 -7.14 -7.42
CA ALA B 181 0.26 -7.15 -8.81
C ALA B 181 0.57 -5.84 -9.49
N SER B 182 0.22 -4.75 -8.80
CA SER B 182 0.43 -3.40 -9.30
C SER B 182 1.90 -3.18 -9.70
N ARG B 183 2.81 -3.52 -8.79
CA ARG B 183 4.24 -3.29 -9.05
C ARG B 183 4.67 -4.20 -10.19
N LYS B 184 4.14 -5.42 -10.19
CA LYS B 184 4.56 -6.42 -11.16
C LYS B 184 4.19 -6.04 -12.60
N TYR B 185 3.03 -5.41 -12.79
CA TYR B 185 2.51 -5.20 -14.14
C TYR B 185 2.44 -3.74 -14.57
N GLY B 186 2.69 -2.84 -13.63
CA GLY B 186 2.64 -1.41 -13.92
C GLY B 186 1.22 -0.89 -14.00
N VAL B 187 0.33 -1.51 -13.26
CA VAL B 187 -1.06 -1.09 -13.27
C VAL B 187 -1.42 -0.47 -11.93
N ASP B 188 -2.02 0.72 -11.95
CA ASP B 188 -2.46 1.40 -10.72
C ASP B 188 -3.26 0.50 -9.76
N GLU B 189 -2.87 0.48 -8.49
CA GLU B 189 -3.59 -0.25 -7.45
C GLU B 189 -5.06 0.13 -7.44
N SER B 190 -5.32 1.40 -7.72
CA SER B 190 -6.66 1.90 -7.55
C SER B 190 -7.58 1.45 -8.69
N LEU B 191 -7.00 1.21 -9.88
CA LEU B 191 -7.80 0.66 -10.98
C LEU B 191 -8.14 -0.77 -10.66
N ILE B 192 -7.16 -1.50 -10.16
CA ILE B 192 -7.38 -2.88 -9.78
C ILE B 192 -8.48 -2.99 -8.71
N LEU B 193 -8.42 -2.10 -7.72
CA LEU B 193 -9.35 -2.15 -6.59
C LEU B 193 -10.77 -1.88 -7.08
N ALA B 194 -10.91 -0.82 -7.87
CA ALA B 194 -12.13 -0.46 -8.57
C ALA B 194 -12.73 -1.62 -9.36
N ILE B 195 -11.91 -2.31 -10.15
CA ILE B 195 -12.39 -3.46 -10.91
C ILE B 195 -12.87 -4.58 -9.98
N MET B 196 -12.04 -4.96 -9.01
CA MET B 196 -12.39 -5.99 -8.05
C MET B 196 -13.72 -5.68 -7.38
N GLN B 197 -13.85 -4.43 -6.91
CA GLN B 197 -15.03 -4.02 -6.17
C GLN B 197 -16.27 -4.08 -7.04
N THR B 198 -16.11 -3.64 -8.29
CA THR B 198 -17.25 -3.58 -9.20
C THR B 198 -17.67 -4.98 -9.67
N GLN B 199 -16.69 -5.88 -9.79
CA GLN B 199 -16.97 -7.19 -10.40
C GLN B 199 -17.50 -8.20 -9.38
N SER B 200 -16.90 -8.24 -8.21
CA SER B 200 -17.26 -9.21 -7.20
C SER B 200 -17.60 -8.63 -5.81
N SER B 201 -17.51 -7.31 -5.65
CA SER B 201 -17.64 -6.73 -4.29
C SER B 201 -16.68 -7.43 -3.30
N PHE B 202 -15.54 -7.88 -3.83
CA PHE B 202 -14.51 -8.60 -3.06
C PHE B 202 -15.01 -9.94 -2.48
N ASN B 203 -15.78 -10.66 -3.29
CA ASN B 203 -16.28 -11.97 -2.91
C ASN B 203 -15.46 -13.10 -3.55
N PRO B 204 -14.67 -13.81 -2.74
CA PRO B 204 -13.78 -14.84 -3.30
C PRO B 204 -14.51 -16.07 -3.81
N TYR B 205 -15.83 -16.09 -3.70
CA TYR B 205 -16.66 -17.21 -4.17
C TYR B 205 -17.34 -16.84 -5.46
N ALA B 206 -17.00 -15.67 -6.01
CA ALA B 206 -17.70 -15.11 -7.14
C ALA B 206 -17.69 -16.01 -8.38
N VAL B 207 -18.88 -16.25 -8.94
CA VAL B 207 -19.07 -16.99 -10.19
C VAL B 207 -20.19 -16.36 -11.03
N SER B 208 -19.94 -16.13 -12.31
CA SER B 208 -20.95 -15.53 -13.17
C SER B 208 -21.74 -16.61 -13.91
N ARG B 209 -22.81 -16.21 -14.55
CA ARG B 209 -23.56 -17.13 -15.38
C ARG B 209 -22.76 -17.46 -16.64
N SER B 210 -21.71 -16.70 -16.93
CA SER B 210 -20.86 -17.00 -18.10
C SER B 210 -19.51 -17.55 -17.68
N ASP B 211 -19.46 -18.12 -16.48
CA ASP B 211 -18.26 -18.75 -15.93
C ASP B 211 -17.09 -17.78 -15.69
N ALA B 212 -17.36 -16.49 -15.52
CA ALA B 212 -16.31 -15.61 -15.01
C ALA B 212 -16.06 -15.96 -13.54
N LEU B 213 -14.79 -16.12 -13.17
CA LEU B 213 -14.44 -16.69 -11.87
C LEU B 213 -13.66 -15.75 -10.90
N GLY B 214 -14.02 -15.82 -9.62
CA GLY B 214 -13.23 -15.18 -8.58
C GLY B 214 -13.27 -13.67 -8.50
N LEU B 215 -12.38 -13.12 -7.67
CA LEU B 215 -12.43 -11.70 -7.27
C LEU B 215 -12.43 -10.68 -8.44
N MET B 216 -11.77 -11.00 -9.56
CA MET B 216 -11.66 -10.09 -10.70
C MET B 216 -12.46 -10.61 -11.87
N GLN B 217 -13.28 -11.62 -11.56
CA GLN B 217 -14.18 -12.25 -12.50
C GLN B 217 -13.51 -12.56 -13.84
N VAL B 218 -12.50 -13.42 -13.79
CA VAL B 218 -11.72 -13.75 -14.97
C VAL B 218 -12.29 -14.99 -15.69
N VAL B 219 -12.54 -14.87 -16.99
CA VAL B 219 -12.98 -16.01 -17.81
C VAL B 219 -11.77 -16.78 -18.34
N GLN B 220 -11.79 -18.09 -18.13
CA GLN B 220 -10.67 -18.95 -18.47
C GLN B 220 -10.23 -18.89 -19.95
N HIS B 221 -11.20 -19.05 -20.85
CA HIS B 221 -10.89 -19.31 -22.27
C HIS B 221 -10.74 -18.04 -23.11
N THR B 222 -10.89 -16.87 -22.49
CA THR B 222 -10.64 -15.61 -23.19
C THR B 222 -9.46 -14.86 -22.52
N ALA B 223 -9.73 -14.03 -21.52
CA ALA B 223 -8.67 -13.29 -20.85
C ALA B 223 -7.64 -14.23 -20.24
N GLY B 224 -8.12 -15.25 -19.53
CA GLY B 224 -7.27 -16.25 -18.90
C GLY B 224 -6.27 -16.84 -19.88
N LYS B 225 -6.74 -17.20 -21.07
CA LYS B 225 -5.90 -17.76 -22.11
C LYS B 225 -4.90 -16.74 -22.67
N ASP B 226 -5.40 -15.57 -23.05
CA ASP B 226 -4.55 -14.46 -23.48
C ASP B 226 -3.40 -14.13 -22.49
N VAL B 227 -3.67 -14.21 -21.19
CA VAL B 227 -2.65 -13.85 -20.20
C VAL B 227 -1.56 -14.93 -20.15
N PHE B 228 -2.00 -16.18 -20.03
CA PHE B 228 -1.11 -17.31 -20.14
C PHE B 228 -0.23 -17.26 -21.40
N ARG B 229 -0.83 -16.97 -22.57
CA ARG B 229 -0.07 -16.77 -23.81
C ARG B 229 1.01 -15.71 -23.63
N SER B 230 0.60 -14.53 -23.19
CA SER B 230 1.50 -13.41 -22.95
C SER B 230 2.70 -13.78 -22.07
N GLN B 231 2.55 -14.85 -21.30
CA GLN B 231 3.55 -15.27 -20.33
C GLN B 231 4.27 -16.54 -20.72
N GLY B 232 4.19 -16.92 -21.99
CA GLY B 232 4.84 -18.12 -22.48
C GLY B 232 4.17 -19.42 -22.12
N LYS B 233 3.09 -19.35 -21.32
CA LYS B 233 2.38 -20.55 -20.91
C LYS B 233 1.41 -20.99 -22.01
N SER B 234 1.29 -22.30 -22.19
CA SER B 234 0.30 -22.87 -23.10
C SER B 234 -0.96 -23.26 -22.35
N GLY B 235 -2.00 -23.65 -23.08
CA GLY B 235 -3.28 -23.93 -22.43
C GLY B 235 -3.86 -22.78 -21.57
N THR B 236 -4.74 -23.12 -20.64
CA THR B 236 -5.54 -22.11 -19.95
C THR B 236 -5.56 -22.30 -18.44
N PRO B 237 -5.71 -21.19 -17.69
CA PRO B 237 -5.82 -21.33 -16.24
C PRO B 237 -7.04 -22.18 -15.82
N SER B 238 -6.83 -22.98 -14.79
CA SER B 238 -7.85 -23.84 -14.19
C SER B 238 -8.75 -23.11 -13.19
N ARG B 239 -9.87 -23.73 -12.84
CA ARG B 239 -10.81 -23.13 -11.90
C ARG B 239 -10.15 -22.84 -10.55
N SER B 240 -9.42 -23.81 -9.99
CA SER B 240 -8.82 -23.60 -8.69
C SER B 240 -7.69 -22.55 -8.73
N PHE B 241 -6.98 -22.45 -9.87
CA PHE B 241 -6.03 -21.35 -10.05
C PHE B 241 -6.75 -20.02 -9.84
N LEU B 242 -7.87 -19.84 -10.54
CA LEU B 242 -8.59 -18.56 -10.51
C LEU B 242 -9.38 -18.32 -9.21
N PHE B 243 -9.54 -19.35 -8.39
CA PHE B 243 -10.22 -19.14 -7.13
C PHE B 243 -9.21 -18.88 -6.03
N ASP B 244 -7.92 -19.01 -6.36
CA ASP B 244 -6.88 -18.51 -5.49
C ASP B 244 -6.75 -17.01 -5.69
N PRO B 245 -7.03 -16.24 -4.62
CA PRO B 245 -6.98 -14.78 -4.68
C PRO B 245 -5.71 -14.21 -5.32
N ALA B 246 -4.54 -14.59 -4.83
CA ALA B 246 -3.29 -14.04 -5.35
C ALA B 246 -3.17 -14.33 -6.84
N SER B 247 -3.41 -15.58 -7.23
CA SER B 247 -3.37 -15.97 -8.64
C SER B 247 -4.40 -15.18 -9.43
N ASN B 248 -5.60 -15.07 -8.86
CA ASN B 248 -6.69 -14.39 -9.54
C ASN B 248 -6.38 -12.92 -9.82
N ILE B 249 -5.97 -12.25 -8.76
CA ILE B 249 -5.61 -10.84 -8.85
C ILE B 249 -4.45 -10.67 -9.84
N ASP B 250 -3.43 -11.51 -9.70
CA ASP B 250 -2.34 -11.47 -10.68
C ASP B 250 -2.87 -11.54 -12.13
N THR B 251 -3.75 -12.52 -12.41
CA THR B 251 -4.25 -12.71 -13.78
C THR B 251 -5.07 -11.52 -14.30
N GLY B 252 -6.01 -11.05 -13.47
CA GLY B 252 -6.90 -9.98 -13.91
C GLY B 252 -6.08 -8.73 -14.17
N THR B 253 -5.10 -8.51 -13.30
CA THR B 253 -4.19 -7.37 -13.45
C THR B 253 -3.31 -7.48 -14.69
N ALA B 254 -2.71 -8.64 -14.93
CA ALA B 254 -2.04 -8.86 -16.23
C ALA B 254 -2.94 -8.53 -17.46
N TYR B 255 -4.23 -8.85 -17.40
CA TYR B 255 -5.10 -8.58 -18.56
C TYR B 255 -5.29 -7.09 -18.74
N LEU B 256 -5.42 -6.36 -17.63
CA LEU B 256 -5.48 -4.89 -17.70
C LEU B 256 -4.24 -4.36 -18.42
N ALA B 257 -3.07 -4.83 -17.99
CA ALA B 257 -1.80 -4.39 -18.55
C ALA B 257 -1.73 -4.70 -20.03
N MET B 258 -2.28 -5.85 -20.39
CA MET B 258 -2.28 -6.31 -21.77
C MET B 258 -3.27 -5.52 -22.62
N LEU B 259 -4.45 -5.25 -22.07
CA LEU B 259 -5.36 -4.37 -22.78
C LEU B 259 -4.70 -3.02 -23.06
N ASN B 260 -4.01 -2.49 -22.06
CA ASN B 260 -3.36 -1.19 -22.23
C ASN B 260 -2.26 -1.22 -23.28
N ASN B 261 -1.38 -2.22 -23.23
CA ASN B 261 -0.17 -2.23 -24.08
C ASN B 261 -0.38 -2.79 -25.48
N VAL B 262 -1.12 -3.88 -25.57
CA VAL B 262 -1.26 -4.61 -26.82
C VAL B 262 -2.50 -4.19 -27.61
N TYR B 263 -3.68 -4.36 -27.03
CA TYR B 263 -4.91 -4.22 -27.78
C TYR B 263 -5.36 -2.80 -27.99
N LEU B 264 -5.19 -1.95 -26.99
CA LEU B 264 -5.68 -0.60 -27.11
C LEU B 264 -4.51 0.39 -27.14
N GLY B 265 -3.35 -0.11 -27.56
CA GLY B 265 -2.14 0.70 -27.61
C GLY B 265 -2.21 1.81 -28.63
N GLY B 266 -3.15 1.68 -29.57
CA GLY B 266 -3.35 2.67 -30.61
C GLY B 266 -3.98 3.96 -30.12
N ILE B 267 -4.66 3.91 -28.97
CA ILE B 267 -5.23 5.14 -28.39
C ILE B 267 -4.10 5.99 -27.78
N ASP B 268 -4.00 7.25 -28.23
CA ASP B 268 -2.90 8.14 -27.85
C ASP B 268 -3.04 8.74 -26.45
N ASN B 269 -4.18 9.36 -26.19
CA ASN B 269 -4.45 9.89 -24.85
C ASN B 269 -4.56 8.79 -23.80
N PRO B 270 -3.76 8.89 -22.72
CA PRO B 270 -3.70 7.84 -21.69
C PRO B 270 -4.95 7.84 -20.82
N THR B 271 -5.69 8.94 -20.84
CA THR B 271 -6.95 9.01 -20.11
C THR B 271 -8.06 8.33 -20.94
N SER B 272 -8.02 8.56 -22.25
CA SER B 272 -8.99 7.91 -23.14
C SER B 272 -8.71 6.41 -23.18
N ARG B 273 -7.44 6.06 -23.29
CA ARG B 273 -7.04 4.67 -23.24
C ARG B 273 -7.57 3.96 -22.02
N ARG B 274 -7.44 4.60 -20.86
CA ARG B 274 -7.90 3.99 -19.63
C ARG B 274 -9.41 3.70 -19.68
N TYR B 275 -10.22 4.64 -20.18
CA TYR B 275 -11.67 4.38 -20.32
C TYR B 275 -11.92 3.21 -21.24
N ALA B 276 -11.14 3.15 -22.32
CA ALA B 276 -11.26 2.07 -23.29
C ALA B 276 -10.83 0.73 -22.68
N VAL B 277 -9.70 0.75 -21.99
CA VAL B 277 -9.22 -0.41 -21.26
C VAL B 277 -10.25 -0.91 -20.22
N ILE B 278 -10.87 0.03 -19.50
CA ILE B 278 -11.83 -0.37 -18.48
C ILE B 278 -13.01 -1.10 -19.12
N THR B 279 -13.60 -0.47 -20.12
CA THR B 279 -14.72 -1.02 -20.86
C THR B 279 -14.37 -2.38 -21.46
N ALA B 280 -13.15 -2.49 -21.99
CA ALA B 280 -12.73 -3.70 -22.72
C ALA B 280 -12.44 -4.83 -21.78
N TYR B 281 -12.21 -4.49 -20.51
CA TYR B 281 -11.98 -5.50 -19.50
C TYR B 281 -13.24 -6.33 -19.38
N ASN B 282 -14.36 -5.67 -19.59
CA ASN B 282 -15.65 -6.26 -19.39
C ASN B 282 -16.25 -6.77 -20.68
N GLY B 283 -16.10 -5.99 -21.76
CA GLY B 283 -16.73 -6.30 -23.01
C GLY B 283 -15.76 -6.68 -24.14
N GLY B 284 -14.46 -6.64 -23.88
CA GLY B 284 -13.48 -7.02 -24.89
C GLY B 284 -12.99 -5.85 -25.75
N ALA B 285 -11.69 -5.85 -26.06
CA ALA B 285 -11.10 -4.78 -26.88
C ALA B 285 -11.77 -4.60 -28.24
N GLY B 286 -12.03 -5.72 -28.93
CA GLY B 286 -12.72 -5.68 -30.22
C GLY B 286 -14.07 -4.98 -30.16
N SER B 287 -14.85 -5.31 -29.14
CA SER B 287 -16.15 -4.67 -28.95
C SER B 287 -16.00 -3.15 -28.71
N VAL B 288 -14.99 -2.76 -27.93
CA VAL B 288 -14.72 -1.33 -27.74
C VAL B 288 -14.30 -0.64 -29.05
N LEU B 289 -13.35 -1.21 -29.77
CA LEU B 289 -12.94 -0.57 -31.01
C LEU B 289 -14.11 -0.47 -31.99
N ARG B 290 -14.90 -1.52 -32.07
CA ARG B 290 -16.02 -1.53 -33.00
C ARG B 290 -17.15 -0.55 -32.63
N VAL B 291 -17.08 0.07 -31.45
CA VAL B 291 -17.99 1.17 -31.14
C VAL B 291 -17.74 2.34 -32.12
N PHE B 292 -16.52 2.41 -32.66
CA PHE B 292 -16.08 3.56 -33.45
C PHE B 292 -15.94 3.22 -34.91
N SER B 293 -15.39 2.05 -35.18
CA SER B 293 -15.20 1.60 -36.56
C SER B 293 -14.94 0.11 -36.62
N ASN B 294 -15.24 -0.48 -37.77
CA ASN B 294 -14.97 -1.89 -38.01
C ASN B 294 -13.51 -2.13 -38.34
N ASP B 295 -12.86 -1.18 -38.96
CA ASP B 295 -11.42 -1.30 -39.15
C ASP B 295 -10.79 -0.87 -37.82
N LYS B 296 -9.89 -1.69 -37.30
CA LYS B 296 -9.29 -1.50 -35.98
C LYS B 296 -8.37 -0.27 -35.93
N ILE B 297 -7.62 -0.07 -37.00
CA ILE B 297 -6.77 1.10 -37.07
C ILE B 297 -7.66 2.33 -37.13
N GLN B 298 -8.69 2.28 -37.97
CA GLN B 298 -9.60 3.40 -38.13
C GLN B 298 -10.29 3.78 -36.83
N ALA B 299 -10.55 2.78 -35.98
CA ALA B 299 -11.26 3.01 -34.72
C ALA B 299 -10.39 3.82 -33.78
N ALA B 300 -9.12 3.43 -33.68
CA ALA B 300 -8.15 4.17 -32.88
C ALA B 300 -7.97 5.60 -33.39
N ASN B 301 -7.92 5.76 -34.72
CA ASN B 301 -7.81 7.09 -35.31
C ASN B 301 -8.98 7.98 -34.90
N ILE B 302 -10.18 7.40 -34.83
CA ILE B 302 -11.37 8.17 -34.49
C ILE B 302 -11.39 8.54 -33.00
N ILE B 303 -10.94 7.61 -32.15
CA ILE B 303 -10.84 7.83 -30.70
C ILE B 303 -9.84 8.95 -30.39
N ASN B 304 -8.78 9.00 -31.18
CA ASN B 304 -7.74 10.01 -31.05
C ASN B 304 -8.16 11.39 -31.56
N THR B 305 -9.39 11.51 -32.06
CA THR B 305 -9.89 12.81 -32.51
C THR B 305 -10.76 13.45 -31.45
N MET B 306 -10.92 12.75 -30.33
CA MET B 306 -11.82 13.20 -29.27
C MET B 306 -11.10 13.58 -27.97
N THR B 307 -11.87 14.10 -27.04
CA THR B 307 -11.39 14.34 -25.69
C THR B 307 -11.83 13.14 -24.86
N PRO B 308 -11.10 12.85 -23.78
CA PRO B 308 -11.40 11.65 -22.99
C PRO B 308 -12.82 11.66 -22.42
N GLY B 309 -13.33 12.81 -22.04
CA GLY B 309 -14.70 12.92 -21.58
C GLY B 309 -15.69 12.48 -22.65
N ASP B 310 -15.36 12.75 -23.90
CA ASP B 310 -16.25 12.41 -25.01
C ASP B 310 -16.12 10.92 -25.34
N VAL B 311 -14.92 10.38 -25.22
CA VAL B 311 -14.74 8.93 -25.38
C VAL B 311 -15.53 8.23 -24.28
N TYR B 312 -15.51 8.79 -23.08
CA TYR B 312 -16.23 8.23 -21.95
C TYR B 312 -17.74 8.25 -22.17
N GLN B 313 -18.22 9.40 -22.65
CA GLN B 313 -19.64 9.55 -22.90
C GLN B 313 -20.06 8.67 -24.08
N THR B 314 -19.19 8.51 -25.07
CA THR B 314 -19.48 7.62 -26.19
C THR B 314 -19.65 6.19 -25.71
N LEU B 315 -18.71 5.72 -24.89
CA LEU B 315 -18.75 4.34 -24.41
C LEU B 315 -19.92 4.09 -23.48
N THR B 316 -20.20 5.03 -22.58
CA THR B 316 -21.26 4.83 -21.59
C THR B 316 -22.64 4.91 -22.22
N THR B 317 -22.75 5.50 -23.40
CA THR B 317 -24.06 5.60 -24.04
C THR B 317 -24.20 4.77 -25.33
N ARG B 318 -23.08 4.52 -26.01
CA ARG B 318 -23.15 3.87 -27.32
C ARG B 318 -22.56 2.46 -27.41
N HIS B 319 -21.94 1.97 -26.33
CA HIS B 319 -21.51 0.59 -26.36
C HIS B 319 -22.77 -0.27 -26.41
N PRO B 320 -22.79 -1.29 -27.30
CA PRO B 320 -23.95 -2.16 -27.54
C PRO B 320 -24.39 -2.98 -26.33
N SER B 321 -23.50 -3.17 -25.36
CA SER B 321 -23.82 -4.02 -24.20
C SER B 321 -24.24 -3.19 -23.00
N ALA B 322 -25.45 -3.39 -22.51
CA ALA B 322 -25.93 -2.59 -21.35
C ALA B 322 -25.05 -2.84 -20.13
N GLU B 323 -24.55 -4.06 -20.05
CA GLU B 323 -23.69 -4.49 -18.97
C GLU B 323 -22.36 -3.71 -18.96
N SER B 324 -21.73 -3.55 -20.13
CA SER B 324 -20.48 -2.79 -20.24
C SER B 324 -20.68 -1.31 -20.04
N ARG B 325 -21.82 -0.81 -20.50
CA ARG B 325 -22.12 0.61 -20.32
C ARG B 325 -22.19 0.98 -18.84
N ARG B 326 -23.05 0.34 -18.06
CA ARG B 326 -23.16 0.65 -16.63
C ARG B 326 -21.84 0.38 -15.90
N TYR B 327 -21.10 -0.62 -16.40
CA TYR B 327 -19.80 -0.98 -15.86
C TYR B 327 -18.82 0.18 -15.79
N LEU B 328 -18.69 0.90 -16.90
CA LEU B 328 -17.70 1.95 -17.02
C LEU B 328 -17.95 3.01 -15.97
N TYR B 329 -19.21 3.39 -15.83
CA TYR B 329 -19.60 4.40 -14.84
C TYR B 329 -19.19 3.95 -13.45
N LYS B 330 -19.58 2.73 -13.11
CA LYS B 330 -19.25 2.16 -11.80
C LYS B 330 -17.75 2.03 -11.56
N VAL B 331 -16.97 1.64 -12.56
CA VAL B 331 -15.55 1.46 -12.32
C VAL B 331 -14.88 2.81 -12.11
N ASN B 332 -15.21 3.76 -12.98
CA ASN B 332 -14.65 5.10 -12.90
C ASN B 332 -15.01 5.77 -11.58
N THR B 333 -16.24 5.55 -11.13
CA THR B 333 -16.72 6.11 -9.88
C THR B 333 -15.95 5.50 -8.70
N ALA B 334 -15.89 4.17 -8.67
CA ALA B 334 -15.14 3.44 -7.64
C ALA B 334 -13.65 3.81 -7.59
N GLN B 335 -13.01 4.00 -8.75
CA GLN B 335 -11.58 4.29 -8.77
C GLN B 335 -11.23 5.62 -8.09
N LYS B 336 -12.11 6.61 -8.21
CA LYS B 336 -11.86 7.92 -7.60
C LYS B 336 -11.83 7.81 -6.08
N SER B 337 -12.51 6.79 -5.57
CA SER B 337 -12.57 6.51 -4.14
C SER B 337 -11.32 5.80 -3.64
N TYR B 338 -10.48 5.38 -4.57
CA TYR B 338 -9.28 4.59 -4.26
C TYR B 338 -8.01 5.33 -4.65
N ARG B 339 -8.15 6.45 -5.36
CA ARG B 339 -7.00 7.13 -5.95
C ARG B 339 -6.07 7.81 -4.94
N ARG B 340 -6.59 8.22 -3.80
CA ARG B 340 -5.74 9.00 -2.89
C ARG B 340 -5.24 8.12 -1.74
N ARG B 341 -3.96 8.31 -1.41
CA ARG B 341 -3.34 7.60 -0.29
C ARG B 341 -2.42 8.58 0.45
#